data_1O12
#
_entry.id   1O12
#
_cell.length_a   85.070
_cell.length_b   85.070
_cell.length_c   206.010
_cell.angle_alpha   90.00
_cell.angle_beta   90.00
_cell.angle_gamma   120.00
#
_symmetry.space_group_name_H-M   'P 31 2 1'
#
loop_
_entity.id
_entity.type
_entity.pdbx_description
1 polymer 'N-acetylglucosamine-6-phosphate deacetylase'
2 non-polymer 'FE (III) ION'
3 water water
#
_entity_poly.entity_id   1
_entity_poly.type   'polypeptide(L)'
_entity_poly.pdbx_seq_one_letter_code
;(MSE)GSDKIHHHHHH(MSE)IVEKVLIVDPIDGEFTGDVEIEEGKIVKVEKRECIPRGVL(MSE)PGFVDPHIHGVVGA
DT(MSE)NCDFSE(MSE)EEFLYSQGVTTFLATTVSTSLEK(MSE)KEILRKARDYILENPSTSLLGVHLEGPYISKEKK
GAHSEKHIRPPSERELSEIDSPAK(MSE)LTFAPEIESSELLLRLVKRDIVLSAGHSIATFEEF(MSE)KFYKEGVKRIT
HFPNGLKPLHHREIGITGAGLLLDDVKLELICDGVHLSRE(MSE)VKLVYKVKKANGIVLVTDSISAAGLKDGTTTLGDL
VVKVKDGVPRLEDGTLAGSTLFFSQAVKNFRKFTGCSITELAKVSSYNSCVELGLDDRGRIAEGTRADLVLLDEDLNVV
(MSE)TIKEGEVVFRSR
;
_entity_poly.pdbx_strand_id   A,B
#
loop_
_chem_comp.id
_chem_comp.type
_chem_comp.name
_chem_comp.formula
FE non-polymer 'FE (III) ION' 'Fe 3'
#
# COMPACT_ATOMS: atom_id res chain seq x y z
N MSE A 13 15.97 -4.64 -41.55
CA MSE A 13 17.05 -3.62 -41.47
C MSE A 13 16.46 -2.25 -41.13
O MSE A 13 17.11 -1.42 -40.50
CB MSE A 13 17.82 -3.52 -42.80
CG MSE A 13 19.12 -2.73 -42.66
SE MSE A 13 20.76 -3.47 -43.54
CE MSE A 13 21.48 -4.67 -42.17
N ILE A 14 15.22 -2.02 -41.51
CA ILE A 14 14.60 -0.74 -41.18
C ILE A 14 13.09 -0.82 -40.93
N VAL A 15 12.63 -0.28 -39.79
CA VAL A 15 11.20 -0.29 -39.48
C VAL A 15 10.80 1.17 -39.51
N GLU A 16 9.90 1.53 -40.41
CA GLU A 16 9.48 2.93 -40.55
C GLU A 16 8.06 3.28 -40.16
N LYS A 17 7.84 4.57 -39.96
CA LYS A 17 6.54 5.13 -39.62
C LYS A 17 5.89 4.35 -38.49
N VAL A 18 6.55 4.30 -37.34
CA VAL A 18 5.97 3.57 -36.22
C VAL A 18 5.92 4.38 -34.95
N LEU A 19 5.11 3.92 -34.03
CA LEU A 19 5.03 4.55 -32.74
C LEU A 19 6.15 3.89 -31.94
N ILE A 20 7.32 4.52 -31.92
CA ILE A 20 8.49 4.01 -31.20
C ILE A 20 8.30 4.18 -29.69
N VAL A 21 8.58 3.13 -28.93
CA VAL A 21 8.41 3.22 -27.51
C VAL A 21 9.64 2.80 -26.76
N ASP A 22 10.28 3.78 -26.12
CA ASP A 22 11.47 3.54 -25.31
C ASP A 22 11.10 3.90 -23.85
N PRO A 23 11.51 3.06 -22.89
CA PRO A 23 11.25 3.24 -21.46
C PRO A 23 11.80 4.55 -20.93
N ILE A 24 12.84 5.06 -21.58
CA ILE A 24 13.47 6.27 -21.08
C ILE A 24 13.22 7.52 -21.91
N ASP A 25 13.30 7.38 -23.22
CA ASP A 25 13.09 8.51 -24.09
C ASP A 25 11.63 8.76 -24.41
N GLY A 26 10.73 7.91 -23.93
CA GLY A 26 9.32 8.14 -24.21
C GLY A 26 8.84 7.51 -25.50
N GLU A 27 7.63 7.89 -25.94
CA GLU A 27 7.05 7.35 -27.16
C GLU A 27 6.91 8.42 -28.23
N PHE A 28 7.22 8.06 -29.47
CA PHE A 28 7.16 9.02 -30.57
C PHE A 28 7.22 8.35 -31.93
N THR A 29 6.64 9.00 -32.94
CA THR A 29 6.65 8.45 -34.29
C THR A 29 8.02 8.64 -34.89
N GLY A 30 8.43 7.68 -35.70
CA GLY A 30 9.74 7.75 -36.34
C GLY A 30 10.11 6.44 -37.03
N ASP A 31 11.40 6.25 -37.26
CA ASP A 31 11.92 5.06 -37.93
C ASP A 31 13.09 4.53 -37.11
N VAL A 32 13.27 3.21 -37.12
CA VAL A 32 14.37 2.57 -36.40
C VAL A 32 15.21 1.79 -37.41
N GLU A 33 16.53 1.94 -37.28
CA GLU A 33 17.48 1.30 -38.18
C GLU A 33 18.30 0.24 -37.47
N ILE A 34 18.24 -0.97 -38.04
CA ILE A 34 18.92 -2.15 -37.53
C ILE A 34 20.03 -2.65 -38.44
N GLU A 35 21.23 -2.76 -37.89
CA GLU A 35 22.42 -3.23 -38.60
C GLU A 35 22.96 -4.47 -37.85
N GLU A 36 22.83 -5.62 -38.48
CA GLU A 36 23.27 -6.88 -37.90
C GLU A 36 23.00 -6.93 -36.40
N GLY A 37 21.73 -7.12 -36.06
CA GLY A 37 21.30 -7.24 -34.68
C GLY A 37 21.52 -6.06 -33.74
N LYS A 38 21.91 -4.93 -34.28
CA LYS A 38 22.16 -3.77 -33.45
C LYS A 38 21.39 -2.57 -33.98
N ILE A 39 20.71 -1.87 -33.10
CA ILE A 39 19.98 -0.67 -33.49
C ILE A 39 21.03 0.43 -33.67
N VAL A 40 21.14 0.95 -34.90
CA VAL A 40 22.11 1.97 -35.19
C VAL A 40 21.51 3.35 -35.41
N LYS A 41 20.19 3.43 -35.52
CA LYS A 41 19.59 4.74 -35.73
C LYS A 41 18.13 4.79 -35.33
N VAL A 42 17.79 5.76 -34.50
CA VAL A 42 16.43 5.97 -34.05
C VAL A 42 16.07 7.39 -34.48
N GLU A 43 15.27 7.52 -35.54
CA GLU A 43 14.91 8.86 -36.02
C GLU A 43 13.48 9.30 -35.76
N LYS A 44 13.33 10.32 -34.91
CA LYS A 44 12.02 10.88 -34.57
C LYS A 44 11.54 11.61 -35.81
N ARG A 45 10.43 11.17 -36.38
CA ARG A 45 9.89 11.79 -37.57
C ARG A 45 8.39 11.96 -37.39
N GLU A 46 7.88 13.20 -37.53
CA GLU A 46 6.44 13.44 -37.36
C GLU A 46 5.66 13.03 -38.60
N CYS A 47 4.88 11.97 -38.45
CA CYS A 47 4.05 11.41 -39.51
C CYS A 47 2.96 10.60 -38.81
N ILE A 48 2.19 9.81 -39.58
CA ILE A 48 1.12 8.97 -39.02
C ILE A 48 1.59 7.53 -38.89
N PRO A 49 1.64 7.01 -37.65
CA PRO A 49 2.06 5.66 -37.26
C PRO A 49 1.37 4.46 -37.88
N ARG A 50 2.20 3.45 -38.16
CA ARG A 50 1.81 2.18 -38.78
C ARG A 50 1.41 1.15 -37.72
N GLY A 51 2.09 1.21 -36.58
CA GLY A 51 1.82 0.31 -35.49
C GLY A 51 2.71 0.73 -34.32
N VAL A 52 2.85 -0.14 -33.33
CA VAL A 52 3.68 0.18 -32.18
C VAL A 52 4.91 -0.69 -32.22
N LEU A 53 6.04 -0.12 -31.83
CA LEU A 53 7.30 -0.87 -31.80
C LEU A 53 7.82 -0.73 -30.37
N MSE A 54 8.05 -1.86 -29.71
CA MSE A 54 8.54 -1.84 -28.34
C MSE A 54 9.72 -2.79 -28.18
O MSE A 54 9.97 -3.65 -29.05
CB MSE A 54 7.44 -2.32 -27.37
CG MSE A 54 6.07 -1.67 -27.51
SE MSE A 54 4.80 -2.41 -26.18
CE MSE A 54 5.69 -1.71 -24.56
N PRO A 55 10.46 -2.67 -27.06
CA PRO A 55 11.62 -3.55 -26.81
C PRO A 55 11.06 -4.97 -26.66
N GLY A 56 11.81 -5.98 -27.10
CA GLY A 56 11.33 -7.34 -26.98
C GLY A 56 10.98 -7.67 -25.53
N PHE A 57 9.81 -8.24 -25.31
CA PHE A 57 9.36 -8.59 -23.97
C PHE A 57 10.32 -9.58 -23.34
N VAL A 58 10.35 -9.56 -22.01
CA VAL A 58 11.19 -10.41 -21.20
C VAL A 58 10.36 -11.13 -20.12
N ASP A 59 10.37 -12.46 -20.12
CA ASP A 59 9.60 -13.22 -19.13
C ASP A 59 10.60 -13.99 -18.27
N PRO A 60 10.86 -13.49 -17.05
CA PRO A 60 11.81 -14.14 -16.15
C PRO A 60 11.19 -15.23 -15.32
N HIS A 61 9.90 -15.48 -15.54
CA HIS A 61 9.20 -16.49 -14.75
C HIS A 61 8.14 -17.22 -15.53
N ILE A 62 8.52 -18.33 -16.17
CA ILE A 62 7.59 -19.17 -16.94
C ILE A 62 8.07 -20.62 -16.86
N HIS A 63 7.19 -21.53 -16.46
CA HIS A 63 7.50 -22.95 -16.32
C HIS A 63 7.42 -23.74 -17.63
N GLY A 64 6.36 -23.48 -18.40
CA GLY A 64 6.13 -24.17 -19.64
C GLY A 64 4.98 -23.48 -20.31
N VAL A 65 4.62 -23.93 -21.51
CA VAL A 65 3.53 -23.34 -22.27
C VAL A 65 3.26 -24.25 -23.48
N VAL A 66 1.99 -24.36 -23.89
CA VAL A 66 1.56 -25.19 -25.04
C VAL A 66 2.17 -26.60 -25.11
N GLY A 67 2.23 -27.27 -23.97
CA GLY A 67 2.76 -28.61 -23.91
C GLY A 67 4.21 -28.73 -23.49
N ALA A 68 4.99 -27.66 -23.60
CA ALA A 68 6.42 -27.71 -23.23
C ALA A 68 6.68 -27.33 -21.78
N ASP A 69 7.54 -28.07 -21.10
CA ASP A 69 7.85 -27.77 -19.71
C ASP A 69 9.36 -27.60 -19.57
N THR A 70 9.74 -26.99 -18.46
CA THR A 70 11.13 -26.77 -18.14
C THR A 70 11.63 -28.08 -17.48
N MSE A 71 10.72 -28.84 -16.88
CA MSE A 71 11.11 -30.09 -16.24
C MSE A 71 11.60 -31.12 -17.26
O MSE A 71 12.45 -31.96 -16.95
CB MSE A 71 9.96 -30.65 -15.39
CG MSE A 71 9.62 -29.82 -14.13
SE MSE A 71 11.15 -29.05 -13.08
CE MSE A 71 11.40 -30.45 -11.73
N ASN A 72 11.09 -31.05 -18.49
CA ASN A 72 11.50 -31.96 -19.55
C ASN A 72 12.48 -31.29 -20.52
N CYS A 73 12.82 -30.03 -20.20
CA CYS A 73 13.76 -29.24 -20.95
C CYS A 73 13.41 -29.01 -22.39
N ASP A 74 12.15 -28.70 -22.63
CA ASP A 74 11.68 -28.43 -23.99
C ASP A 74 11.94 -26.97 -24.32
N PHE A 75 13.21 -26.57 -24.25
CA PHE A 75 13.59 -25.19 -24.54
C PHE A 75 13.24 -24.77 -25.96
N SER A 76 13.56 -25.60 -26.93
CA SER A 76 13.26 -25.28 -28.33
C SER A 76 11.80 -25.02 -28.55
N GLU A 77 10.93 -25.81 -27.91
CA GLU A 77 9.51 -25.60 -28.09
C GLU A 77 9.08 -24.30 -27.44
N MSE A 78 9.50 -24.10 -26.18
CA MSE A 78 9.17 -22.89 -25.47
C MSE A 78 9.61 -21.66 -26.24
O MSE A 78 8.82 -20.74 -26.47
CB MSE A 78 9.80 -22.90 -24.09
CG MSE A 78 9.24 -23.97 -23.19
SE MSE A 78 10.04 -24.13 -21.40
CE MSE A 78 9.35 -22.49 -20.60
N GLU A 79 10.88 -21.65 -26.67
CA GLU A 79 11.42 -20.50 -27.39
C GLU A 79 10.59 -20.10 -28.61
N GLU A 80 10.37 -21.07 -29.48
CA GLU A 80 9.64 -20.89 -30.70
C GLU A 80 8.23 -20.31 -30.43
N PHE A 81 7.53 -20.81 -29.42
CA PHE A 81 6.20 -20.25 -29.17
C PHE A 81 6.27 -18.82 -28.66
N LEU A 82 7.15 -18.59 -27.69
CA LEU A 82 7.32 -17.28 -27.07
C LEU A 82 7.51 -16.11 -28.04
N TYR A 83 8.11 -16.39 -29.20
CA TYR A 83 8.32 -15.35 -30.19
C TYR A 83 6.97 -14.83 -30.65
N SER A 84 5.96 -15.69 -30.66
CA SER A 84 4.60 -15.29 -31.06
C SER A 84 3.94 -14.44 -29.98
N GLN A 85 4.63 -14.24 -28.85
CA GLN A 85 4.09 -13.42 -27.79
C GLN A 85 4.99 -12.19 -27.66
N GLY A 86 5.93 -12.07 -28.60
CA GLY A 86 6.85 -10.94 -28.62
C GLY A 86 7.98 -11.07 -27.62
N VAL A 87 8.07 -12.21 -26.94
CA VAL A 87 9.11 -12.46 -25.94
C VAL A 87 10.44 -12.83 -26.59
N THR A 88 11.46 -12.04 -26.34
CA THR A 88 12.78 -12.29 -26.90
C THR A 88 13.86 -12.69 -25.87
N THR A 89 13.48 -12.77 -24.60
CA THR A 89 14.39 -13.20 -23.55
C THR A 89 13.53 -13.83 -22.48
N PHE A 90 13.87 -15.04 -22.08
CA PHE A 90 13.12 -15.70 -21.03
C PHE A 90 14.02 -16.59 -20.17
N LEU A 91 13.46 -16.97 -19.03
CA LEU A 91 14.12 -17.80 -18.05
C LEU A 91 13.17 -18.97 -17.79
N ALA A 92 13.61 -20.15 -18.22
CA ALA A 92 12.88 -21.40 -18.03
C ALA A 92 12.94 -21.59 -16.51
N THR A 93 11.78 -21.59 -15.88
CA THR A 93 11.69 -21.67 -14.43
C THR A 93 11.35 -23.04 -13.92
N THR A 94 12.05 -23.45 -12.87
CA THR A 94 11.82 -24.76 -12.29
C THR A 94 10.88 -24.64 -11.10
N VAL A 95 10.54 -25.78 -10.51
CA VAL A 95 9.74 -25.79 -9.30
C VAL A 95 10.62 -26.56 -8.30
N SER A 96 10.19 -26.71 -7.05
CA SER A 96 10.99 -27.46 -6.09
C SER A 96 11.21 -28.89 -6.62
N THR A 97 12.44 -29.36 -6.50
CA THR A 97 12.77 -30.68 -7.01
C THR A 97 14.07 -31.21 -6.42
N SER A 98 14.57 -32.31 -6.98
CA SER A 98 15.81 -32.91 -6.49
C SER A 98 17.08 -32.23 -7.00
N LEU A 99 18.16 -32.31 -6.23
CA LEU A 99 19.43 -31.74 -6.68
C LEU A 99 19.77 -32.41 -8.01
N GLU A 100 19.28 -33.63 -8.21
CA GLU A 100 19.57 -34.34 -9.43
C GLU A 100 18.90 -33.68 -10.64
N LYS A 101 17.59 -33.52 -10.59
CA LYS A 101 16.85 -32.89 -11.68
C LYS A 101 17.47 -31.53 -11.99
N MSE A 102 17.73 -30.78 -10.93
CA MSE A 102 18.34 -29.47 -11.01
C MSE A 102 19.59 -29.50 -11.89
O MSE A 102 19.68 -28.77 -12.89
CB MSE A 102 18.71 -29.02 -9.61
CG MSE A 102 18.19 -27.67 -9.16
SE MSE A 102 18.01 -27.64 -7.18
CE MSE A 102 16.12 -28.21 -7.02
N LYS A 103 20.58 -30.34 -11.54
CA LYS A 103 21.83 -30.45 -12.29
C LYS A 103 21.56 -30.78 -13.73
N GLU A 104 20.58 -31.66 -13.98
CA GLU A 104 20.22 -32.07 -15.34
C GLU A 104 19.55 -30.93 -16.11
N ILE A 105 18.73 -30.14 -15.44
CA ILE A 105 18.07 -29.04 -16.14
C ILE A 105 19.08 -27.94 -16.45
N LEU A 106 19.98 -27.66 -15.49
CA LEU A 106 21.00 -26.66 -15.72
C LEU A 106 21.94 -27.14 -16.84
N ARG A 107 22.21 -28.44 -16.87
CA ARG A 107 23.12 -29.01 -17.85
C ARG A 107 22.57 -28.96 -19.28
N LYS A 108 21.30 -29.28 -19.45
CA LYS A 108 20.70 -29.24 -20.78
C LYS A 108 20.46 -27.82 -21.28
N ALA A 109 20.22 -26.88 -20.37
CA ALA A 109 20.01 -25.51 -20.78
C ALA A 109 21.38 -24.97 -21.23
N ARG A 110 22.43 -25.33 -20.49
CA ARG A 110 23.79 -24.92 -20.81
C ARG A 110 24.17 -25.44 -22.21
N ASP A 111 23.81 -26.68 -22.52
CA ASP A 111 24.13 -27.25 -23.82
C ASP A 111 23.26 -26.60 -24.89
N TYR A 112 22.01 -26.30 -24.52
CA TYR A 112 21.10 -25.67 -25.43
C TYR A 112 21.57 -24.27 -25.79
N ILE A 113 22.19 -23.57 -24.83
CA ILE A 113 22.62 -22.22 -25.14
C ILE A 113 23.85 -22.20 -26.05
N LEU A 114 24.71 -23.21 -25.86
CA LEU A 114 25.93 -23.39 -26.63
C LEU A 114 25.57 -23.74 -28.07
N GLU A 115 24.49 -24.52 -28.24
CA GLU A 115 24.04 -24.93 -29.57
C GLU A 115 23.26 -23.87 -30.32
N ASN A 116 22.58 -22.98 -29.61
CA ASN A 116 21.81 -21.93 -30.26
C ASN A 116 22.21 -20.59 -29.69
N PRO A 117 23.43 -20.15 -30.01
CA PRO A 117 23.96 -18.86 -29.52
C PRO A 117 23.07 -17.61 -29.68
N SER A 118 22.04 -17.65 -30.51
CA SER A 118 21.20 -16.46 -30.59
C SER A 118 19.79 -16.66 -29.95
N THR A 119 19.64 -17.70 -29.14
CA THR A 119 18.38 -18.02 -28.45
C THR A 119 17.83 -16.95 -27.48
N SER A 120 16.54 -17.05 -27.22
CA SER A 120 15.90 -16.13 -26.30
C SER A 120 16.08 -16.66 -24.86
N LEU A 121 16.60 -17.86 -24.73
CA LEU A 121 16.82 -18.44 -23.41
C LEU A 121 18.06 -17.86 -22.71
N LEU A 122 17.83 -17.05 -21.68
CA LEU A 122 18.91 -16.45 -20.94
C LEU A 122 19.46 -17.46 -19.95
N GLY A 123 18.60 -18.32 -19.47
CA GLY A 123 19.05 -19.30 -18.51
C GLY A 123 17.91 -19.94 -17.74
N VAL A 124 18.19 -20.27 -16.49
CA VAL A 124 17.24 -20.94 -15.65
C VAL A 124 16.91 -20.19 -14.39
N HIS A 125 15.62 -20.13 -14.07
CA HIS A 125 15.14 -19.48 -12.84
C HIS A 125 14.75 -20.62 -11.93
N LEU A 126 15.50 -20.72 -10.83
CA LEU A 126 15.29 -21.77 -9.86
C LEU A 126 14.34 -21.30 -8.76
N GLU A 127 13.07 -21.64 -8.94
CA GLU A 127 12.02 -21.29 -7.99
C GLU A 127 11.94 -22.47 -7.03
N GLY A 128 12.45 -22.29 -5.84
CA GLY A 128 12.46 -23.40 -4.91
C GLY A 128 13.82 -24.04 -5.15
N PRO A 129 14.23 -25.03 -4.36
CA PRO A 129 13.52 -25.62 -3.23
C PRO A 129 13.77 -24.97 -1.87
N TYR A 130 14.52 -23.87 -1.83
CA TYR A 130 14.80 -23.21 -0.55
C TYR A 130 13.68 -22.24 -0.13
N ILE A 131 12.48 -22.77 0.01
CA ILE A 131 11.38 -21.94 0.39
C ILE A 131 10.73 -22.41 1.65
N SER A 132 9.70 -21.68 2.05
CA SER A 132 8.93 -21.98 3.25
C SER A 132 7.86 -23.03 2.92
N LYS A 133 7.76 -24.07 3.75
CA LYS A 133 6.73 -25.08 3.50
C LYS A 133 5.34 -24.48 3.82
N GLU A 134 5.31 -23.48 4.71
CA GLU A 134 4.04 -22.86 5.07
C GLU A 134 3.43 -21.99 3.95
N LYS A 135 4.26 -21.64 2.96
CA LYS A 135 3.81 -20.86 1.83
C LYS A 135 4.32 -21.57 0.59
N LYS A 136 4.29 -22.89 0.63
CA LYS A 136 4.76 -23.73 -0.46
C LYS A 136 3.92 -23.64 -1.71
N GLY A 137 2.61 -23.51 -1.52
CA GLY A 137 1.67 -23.42 -2.63
C GLY A 137 2.07 -24.02 -3.96
N ALA A 138 1.58 -25.21 -4.27
CA ALA A 138 1.89 -25.84 -5.55
C ALA A 138 3.29 -26.43 -5.64
N HIS A 139 4.14 -26.20 -4.63
CA HIS A 139 5.46 -26.81 -4.67
C HIS A 139 5.38 -28.12 -3.90
N SER A 140 6.10 -29.15 -4.37
CA SER A 140 6.10 -30.44 -3.68
C SER A 140 6.83 -30.30 -2.35
N GLU A 141 6.09 -30.49 -1.25
CA GLU A 141 6.67 -30.34 0.08
C GLU A 141 7.87 -31.24 0.30
N LYS A 142 7.87 -32.41 -0.34
CA LYS A 142 8.98 -33.33 -0.16
C LYS A 142 10.34 -32.82 -0.61
N HIS A 143 10.38 -31.99 -1.66
CA HIS A 143 11.65 -31.47 -2.17
C HIS A 143 12.15 -30.20 -1.46
N ILE A 144 11.23 -29.47 -0.82
CA ILE A 144 11.56 -28.24 -0.10
C ILE A 144 12.54 -28.55 1.02
N ARG A 145 13.64 -27.81 1.10
CA ARG A 145 14.64 -28.07 2.11
C ARG A 145 15.50 -26.83 2.22
N PRO A 146 16.33 -26.74 3.28
CA PRO A 146 17.21 -25.59 3.45
C PRO A 146 18.42 -25.73 2.56
N PRO A 147 19.04 -24.62 2.20
CA PRO A 147 20.22 -24.63 1.36
C PRO A 147 21.40 -25.22 2.14
N SER A 148 22.28 -25.93 1.43
CA SER A 148 23.43 -26.56 2.06
C SER A 148 24.67 -26.21 1.27
N GLU A 149 25.83 -26.27 1.92
CA GLU A 149 27.10 -25.96 1.26
C GLU A 149 27.32 -26.91 0.09
N ARG A 150 26.83 -28.13 0.23
CA ARG A 150 26.92 -29.18 -0.79
C ARG A 150 26.10 -28.83 -2.02
N GLU A 151 24.92 -28.24 -1.83
CA GLU A 151 24.11 -27.88 -2.99
C GLU A 151 24.55 -26.54 -3.57
N LEU A 152 24.92 -25.61 -2.71
CA LEU A 152 25.32 -24.32 -3.19
C LEU A 152 26.36 -24.49 -4.31
N SER A 153 27.17 -25.54 -4.22
CA SER A 153 28.21 -25.78 -5.22
C SER A 153 27.73 -26.23 -6.60
N GLU A 154 26.47 -26.61 -6.71
CA GLU A 154 25.93 -27.02 -8.00
C GLU A 154 25.16 -25.89 -8.70
N ILE A 155 25.00 -24.75 -8.04
CA ILE A 155 24.25 -23.64 -8.62
C ILE A 155 25.14 -22.58 -9.23
N ASP A 156 25.09 -22.47 -10.55
CA ASP A 156 25.90 -21.51 -11.28
C ASP A 156 25.34 -21.43 -12.71
N SER A 157 26.03 -20.71 -13.58
CA SER A 157 25.58 -20.56 -14.95
C SER A 157 25.25 -21.97 -15.40
N PRO A 158 24.14 -22.16 -16.12
CA PRO A 158 23.19 -21.11 -16.54
C PRO A 158 22.05 -20.66 -15.60
N ALA A 159 22.22 -20.83 -14.29
CA ALA A 159 21.18 -20.33 -13.39
C ALA A 159 21.30 -18.80 -13.52
N LYS A 160 20.17 -18.10 -13.52
CA LYS A 160 20.21 -16.66 -13.64
C LYS A 160 19.44 -15.98 -12.55
N MSE A 161 18.52 -16.72 -11.94
CA MSE A 161 17.67 -16.17 -10.90
C MSE A 161 17.29 -17.27 -9.92
O MSE A 161 17.24 -18.44 -10.27
CB MSE A 161 16.42 -15.57 -11.52
CG MSE A 161 15.57 -14.85 -10.56
SE MSE A 161 14.14 -13.85 -11.40
CE MSE A 161 15.13 -12.31 -12.06
N LEU A 162 17.01 -16.88 -8.69
CA LEU A 162 16.67 -17.88 -7.70
C LEU A 162 15.67 -17.31 -6.72
N THR A 163 14.56 -18.00 -6.51
CA THR A 163 13.58 -17.53 -5.53
C THR A 163 13.68 -18.30 -4.20
N PHE A 164 13.94 -17.55 -3.12
CA PHE A 164 14.09 -18.13 -1.78
C PHE A 164 13.26 -17.42 -0.68
N ALA A 165 13.11 -18.11 0.45
CA ALA A 165 12.39 -17.56 1.60
C ALA A 165 13.45 -17.17 2.65
N PRO A 166 13.69 -15.86 2.85
CA PRO A 166 14.68 -15.33 3.81
C PRO A 166 14.71 -15.91 5.25
N GLU A 167 13.61 -16.46 5.71
CA GLU A 167 13.59 -17.00 7.08
C GLU A 167 14.06 -18.46 7.16
N ILE A 168 14.18 -19.11 6.01
CA ILE A 168 14.58 -20.50 5.99
C ILE A 168 15.99 -20.66 6.55
N GLU A 169 16.29 -21.85 7.03
CA GLU A 169 17.60 -22.14 7.60
C GLU A 169 18.69 -22.01 6.54
N SER A 170 19.78 -21.35 6.92
CA SER A 170 20.94 -21.15 6.03
C SER A 170 20.65 -20.32 4.79
N SER A 171 19.58 -19.54 4.85
CA SER A 171 19.21 -18.71 3.73
C SER A 171 20.37 -17.78 3.35
N GLU A 172 21.21 -17.44 4.33
CA GLU A 172 22.36 -16.55 4.11
C GLU A 172 23.39 -17.03 3.09
N LEU A 173 23.60 -18.35 3.00
CA LEU A 173 24.55 -18.88 2.02
C LEU A 173 24.19 -18.45 0.61
N LEU A 174 22.90 -18.33 0.32
CA LEU A 174 22.44 -17.97 -1.01
C LEU A 174 23.05 -16.65 -1.46
N LEU A 175 23.42 -15.78 -0.52
CA LEU A 175 24.02 -14.52 -0.90
C LEU A 175 25.31 -14.72 -1.67
N ARG A 176 25.90 -15.89 -1.55
CA ARG A 176 27.12 -16.08 -2.27
C ARG A 176 26.90 -16.27 -3.75
N LEU A 177 25.64 -16.41 -4.14
CA LEU A 177 25.28 -16.63 -5.55
C LEU A 177 25.28 -15.40 -6.40
N VAL A 178 25.00 -14.25 -5.80
CA VAL A 178 24.95 -13.02 -6.56
C VAL A 178 26.21 -12.75 -7.36
N LYS A 179 27.37 -13.11 -6.82
CA LYS A 179 28.63 -12.88 -7.52
C LYS A 179 28.73 -13.80 -8.74
N ARG A 180 27.80 -14.76 -8.86
CA ARG A 180 27.81 -15.69 -9.98
C ARG A 180 26.83 -15.29 -11.09
N ASP A 181 26.42 -14.02 -11.08
CA ASP A 181 25.51 -13.48 -12.08
C ASP A 181 24.13 -14.11 -11.91
N ILE A 182 23.75 -14.30 -10.65
CA ILE A 182 22.44 -14.85 -10.31
C ILE A 182 21.68 -13.80 -9.46
N VAL A 183 20.45 -13.48 -9.87
CA VAL A 183 19.63 -12.52 -9.16
C VAL A 183 18.80 -13.26 -8.09
N LEU A 184 18.85 -12.80 -6.84
CA LEU A 184 18.05 -13.40 -5.77
C LEU A 184 16.66 -12.76 -5.69
N SER A 185 15.64 -13.53 -5.39
CA SER A 185 14.30 -12.97 -5.30
C SER A 185 13.54 -13.62 -4.13
N ALA A 186 12.89 -12.82 -3.31
CA ALA A 186 12.16 -13.35 -2.16
C ALA A 186 10.75 -13.75 -2.55
N GLY A 187 10.34 -14.93 -2.09
CA GLY A 187 9.03 -15.46 -2.36
C GLY A 187 8.81 -16.75 -1.60
N HIS A 188 7.55 -17.13 -1.44
CA HIS A 188 7.16 -18.36 -0.72
C HIS A 188 7.75 -18.32 0.67
N SER A 189 7.47 -17.24 1.38
CA SER A 189 8.05 -17.03 2.69
C SER A 189 7.09 -16.41 3.71
N ILE A 190 7.39 -16.60 4.99
CA ILE A 190 6.57 -15.97 6.03
C ILE A 190 7.44 -14.97 6.77
N ALA A 191 8.64 -14.74 6.25
CA ALA A 191 9.55 -13.81 6.88
C ALA A 191 8.93 -12.46 7.25
N THR A 192 9.43 -11.91 8.34
CA THR A 192 8.97 -10.64 8.84
C THR A 192 9.68 -9.55 8.05
N PHE A 193 9.34 -8.31 8.34
CA PHE A 193 9.96 -7.17 7.71
C PHE A 193 11.45 -7.12 7.99
N GLU A 194 11.84 -7.42 9.23
CA GLU A 194 13.27 -7.37 9.58
C GLU A 194 14.09 -8.50 8.97
N GLU A 195 13.47 -9.67 8.80
CA GLU A 195 14.19 -10.79 8.22
C GLU A 195 14.43 -10.54 6.75
N PHE A 196 13.47 -9.92 6.09
CA PHE A 196 13.63 -9.58 4.70
C PHE A 196 14.72 -8.51 4.62
N MSE A 197 14.66 -7.53 5.53
CA MSE A 197 15.63 -6.43 5.56
C MSE A 197 17.10 -6.89 5.69
O MSE A 197 18.02 -6.19 5.21
CB MSE A 197 15.32 -5.47 6.71
CG MSE A 197 14.13 -4.59 6.46
SE MSE A 197 14.42 -3.29 4.98
CE MSE A 197 15.54 -2.00 5.94
N LYS A 198 17.31 -8.02 6.34
CA LYS A 198 18.65 -8.53 6.49
C LYS A 198 19.17 -8.77 5.07
N PHE A 199 18.26 -9.21 4.20
CA PHE A 199 18.66 -9.46 2.82
C PHE A 199 18.61 -8.23 1.95
N TYR A 200 17.74 -7.29 2.26
CA TYR A 200 17.63 -6.07 1.49
C TYR A 200 18.89 -5.24 1.69
N LYS A 201 19.47 -5.30 2.89
CA LYS A 201 20.68 -4.55 3.18
C LYS A 201 21.85 -5.13 2.43
N GLU A 202 21.75 -6.39 2.01
CA GLU A 202 22.83 -7.04 1.27
C GLU A 202 22.64 -7.00 -0.24
N GLY A 203 21.60 -6.29 -0.68
CA GLY A 203 21.36 -6.19 -2.10
C GLY A 203 20.21 -6.98 -2.69
N VAL A 204 19.46 -7.75 -1.90
CA VAL A 204 18.35 -8.48 -2.49
C VAL A 204 17.25 -7.45 -2.70
N LYS A 205 16.86 -7.20 -3.96
CA LYS A 205 15.83 -6.20 -4.17
C LYS A 205 14.67 -6.61 -5.08
N ARG A 206 14.23 -7.84 -4.91
CA ARG A 206 13.14 -8.33 -5.74
C ARG A 206 12.20 -9.30 -5.00
N ILE A 207 10.90 -9.26 -5.32
CA ILE A 207 9.93 -10.16 -4.72
C ILE A 207 9.19 -11.00 -5.82
N THR A 208 9.16 -12.32 -5.64
CA THR A 208 8.56 -13.27 -6.60
C THR A 208 7.03 -13.31 -6.49
N HIS A 209 6.39 -13.23 -7.66
CA HIS A 209 4.93 -13.11 -7.81
C HIS A 209 4.20 -12.58 -6.57
N PHE A 210 4.34 -11.27 -6.38
CA PHE A 210 3.75 -10.49 -5.29
C PHE A 210 2.25 -10.36 -5.56
N PRO A 211 1.41 -10.58 -4.53
CA PRO A 211 1.78 -10.93 -3.16
C PRO A 211 1.47 -12.39 -2.87
N ASN A 212 1.30 -13.20 -3.91
CA ASN A 212 0.99 -14.61 -3.66
C ASN A 212 2.15 -15.30 -2.95
N GLY A 213 1.84 -16.13 -1.96
CA GLY A 213 2.89 -16.86 -1.25
C GLY A 213 3.64 -16.06 -0.20
N LEU A 214 2.97 -15.10 0.41
CA LEU A 214 3.59 -14.27 1.45
C LEU A 214 2.61 -14.04 2.57
N LYS A 215 3.13 -13.69 3.74
CA LYS A 215 2.23 -13.39 4.83
C LYS A 215 1.65 -12.02 4.44
N PRO A 216 0.36 -11.79 4.71
CA PRO A 216 -0.28 -10.51 4.38
C PRO A 216 0.33 -9.33 5.15
N LEU A 217 -0.13 -8.14 4.80
CA LEU A 217 0.30 -6.92 5.45
C LEU A 217 -0.54 -6.71 6.72
N HIS A 218 0.14 -6.66 7.87
CA HIS A 218 -0.55 -6.44 9.13
C HIS A 218 -0.20 -5.07 9.71
N HIS A 219 -1.06 -4.59 10.62
CA HIS A 219 -0.91 -3.28 11.27
C HIS A 219 0.44 -2.98 11.94
N ARG A 220 1.13 -4.00 12.45
CA ARG A 220 2.43 -3.77 13.10
C ARG A 220 3.57 -4.54 12.40
N GLU A 221 3.30 -5.77 12.00
CA GLU A 221 4.28 -6.57 11.28
C GLU A 221 3.86 -6.48 9.81
N ILE A 222 4.54 -5.62 9.05
CA ILE A 222 4.19 -5.43 7.66
C ILE A 222 4.73 -6.54 6.77
N GLY A 223 5.70 -7.28 7.31
CA GLY A 223 6.29 -8.41 6.59
C GLY A 223 6.89 -8.11 5.22
N ILE A 224 7.13 -9.18 4.47
CA ILE A 224 7.70 -9.05 3.12
C ILE A 224 6.78 -8.23 2.23
N THR A 225 5.48 -8.44 2.38
CA THR A 225 4.49 -7.72 1.57
C THR A 225 4.64 -6.23 1.82
N GLY A 226 4.87 -5.89 3.08
CA GLY A 226 5.00 -4.50 3.46
C GLY A 226 6.32 -3.94 2.99
N ALA A 227 7.36 -4.76 3.07
CA ALA A 227 8.68 -4.34 2.59
C ALA A 227 8.53 -4.09 1.10
N GLY A 228 7.87 -5.03 0.42
CA GLY A 228 7.70 -4.89 -1.02
C GLY A 228 7.03 -3.60 -1.43
N LEU A 229 6.05 -3.16 -0.66
CA LEU A 229 5.38 -1.93 -1.01
C LEU A 229 6.15 -0.71 -0.53
N LEU A 230 6.76 -0.83 0.65
CA LEU A 230 7.48 0.28 1.27
C LEU A 230 8.75 0.70 0.59
N LEU A 231 9.58 -0.28 0.25
CA LEU A 231 10.87 -0.03 -0.36
C LEU A 231 10.79 0.30 -1.84
N ASP A 232 11.18 1.53 -2.16
CA ASP A 232 11.14 2.02 -3.54
C ASP A 232 11.98 1.34 -4.59
N ASP A 233 13.11 0.75 -4.21
CA ASP A 233 13.94 0.06 -5.20
C ASP A 233 13.83 -1.47 -5.20
N VAL A 234 12.81 -2.01 -4.57
CA VAL A 234 12.53 -3.44 -4.55
C VAL A 234 11.48 -3.60 -5.65
N LYS A 235 11.74 -4.43 -6.64
CA LYS A 235 10.75 -4.58 -7.70
C LYS A 235 9.82 -5.77 -7.38
N LEU A 236 8.58 -5.72 -7.87
CA LEU A 236 7.65 -6.79 -7.59
C LEU A 236 7.18 -7.43 -8.87
N GLU A 237 7.21 -8.75 -8.95
CA GLU A 237 6.70 -9.33 -10.17
C GLU A 237 5.19 -9.55 -9.96
N LEU A 238 4.41 -9.31 -11.00
CA LEU A 238 2.97 -9.46 -10.92
C LEU A 238 2.38 -10.34 -12.03
N ILE A 239 1.49 -11.26 -11.68
CA ILE A 239 0.86 -12.10 -12.69
C ILE A 239 -0.48 -11.43 -13.05
N CYS A 240 -0.57 -10.76 -14.21
CA CYS A 240 -1.79 -10.07 -14.57
C CYS A 240 -2.86 -10.83 -15.30
N ASP A 241 -3.36 -11.88 -14.66
CA ASP A 241 -4.37 -12.73 -15.24
C ASP A 241 -5.75 -12.49 -14.64
N GLY A 242 -5.84 -11.53 -13.73
CA GLY A 242 -7.13 -11.23 -13.11
C GLY A 242 -7.51 -12.19 -11.99
N VAL A 243 -6.72 -13.25 -11.84
CA VAL A 243 -6.96 -14.25 -10.80
C VAL A 243 -5.93 -14.18 -9.67
N HIS A 244 -4.62 -14.22 -10.00
CA HIS A 244 -3.58 -14.12 -8.97
C HIS A 244 -3.68 -12.79 -8.23
N LEU A 245 -4.21 -11.78 -8.92
CA LEU A 245 -4.49 -10.46 -8.33
C LEU A 245 -5.76 -9.97 -9.01
N SER A 246 -6.60 -9.24 -8.29
CA SER A 246 -7.78 -8.72 -8.94
C SER A 246 -7.35 -7.43 -9.62
N ARG A 247 -8.18 -6.94 -10.53
CA ARG A 247 -7.87 -5.69 -11.19
C ARG A 247 -7.65 -4.58 -10.12
N GLU A 248 -8.45 -4.55 -9.05
CA GLU A 248 -8.23 -3.52 -8.04
C GLU A 248 -6.83 -3.62 -7.38
N MSE A 249 -6.38 -4.84 -7.05
CA MSE A 249 -5.07 -5.03 -6.46
C MSE A 249 -3.96 -4.50 -7.36
O MSE A 249 -3.08 -3.75 -6.92
CB MSE A 249 -4.77 -6.50 -6.23
CG MSE A 249 -4.47 -6.87 -4.78
SE MSE A 249 -3.15 -5.76 -3.84
CE MSE A 249 -2.65 -7.08 -2.47
N VAL A 250 -4.00 -4.94 -8.63
CA VAL A 250 -3.06 -4.49 -9.62
C VAL A 250 -3.06 -2.97 -9.64
N LYS A 251 -4.26 -2.39 -9.68
CA LYS A 251 -4.37 -0.93 -9.69
C LYS A 251 -3.70 -0.32 -8.47
N LEU A 252 -3.83 -0.99 -7.32
CA LEU A 252 -3.21 -0.54 -6.08
C LEU A 252 -1.68 -0.67 -6.14
N VAL A 253 -1.18 -1.83 -6.52
CA VAL A 253 0.27 -2.00 -6.60
C VAL A 253 0.84 -0.97 -7.58
N TYR A 254 0.15 -0.76 -8.69
CA TYR A 254 0.62 0.22 -9.66
C TYR A 254 0.69 1.60 -9.02
N LYS A 255 -0.36 1.99 -8.31
CA LYS A 255 -0.42 3.26 -7.62
C LYS A 255 0.77 3.47 -6.66
N VAL A 256 1.10 2.45 -5.89
CA VAL A 256 2.20 2.52 -4.93
C VAL A 256 3.60 2.37 -5.51
N LYS A 257 3.78 1.39 -6.37
CA LYS A 257 5.08 1.10 -6.98
C LYS A 257 5.43 1.83 -8.25
N LYS A 258 4.41 2.29 -9.00
CA LYS A 258 4.57 2.98 -10.30
C LYS A 258 5.17 1.98 -11.24
N ALA A 259 5.29 2.35 -12.52
CA ALA A 259 5.85 1.46 -13.55
C ALA A 259 7.25 0.98 -13.22
N ASN A 260 8.04 1.86 -12.64
CA ASN A 260 9.43 1.58 -12.26
C ASN A 260 9.63 0.41 -11.28
N GLY A 261 8.59 0.04 -10.51
CA GLY A 261 8.76 -1.03 -9.55
C GLY A 261 7.99 -2.30 -9.80
N ILE A 262 7.56 -2.53 -11.03
CA ILE A 262 6.80 -3.74 -11.38
C ILE A 262 7.40 -4.52 -12.55
N VAL A 263 7.47 -5.83 -12.38
CA VAL A 263 8.01 -6.68 -13.41
C VAL A 263 6.93 -7.61 -13.90
N LEU A 264 6.54 -7.49 -15.17
CA LEU A 264 5.49 -8.38 -15.66
C LEU A 264 6.06 -9.79 -15.76
N VAL A 265 5.23 -10.77 -15.50
CA VAL A 265 5.67 -12.16 -15.51
C VAL A 265 4.47 -13.02 -15.95
N THR A 266 4.73 -14.22 -16.43
CA THR A 266 3.64 -15.06 -16.88
C THR A 266 3.31 -16.18 -15.87
N ASP A 267 4.33 -16.84 -15.32
CA ASP A 267 4.15 -17.95 -14.37
C ASP A 267 3.29 -19.00 -15.05
N SER A 268 3.40 -19.01 -16.37
CA SER A 268 2.67 -19.93 -17.22
C SER A 268 3.15 -21.37 -17.05
N ILE A 269 2.24 -22.32 -17.25
CA ILE A 269 2.62 -23.72 -17.19
C ILE A 269 2.35 -24.36 -18.56
N SER A 270 2.82 -25.60 -18.75
CA SER A 270 2.62 -26.34 -19.99
C SER A 270 1.17 -26.30 -20.50
N ALA A 271 0.21 -26.34 -19.60
CA ALA A 271 -1.21 -26.33 -19.96
C ALA A 271 -1.65 -25.08 -20.73
N ALA A 272 -0.93 -23.97 -20.58
CA ALA A 272 -1.33 -22.74 -21.27
C ALA A 272 -1.49 -22.97 -22.75
N GLY A 273 -2.64 -22.57 -23.29
CA GLY A 273 -2.91 -22.75 -24.70
C GLY A 273 -3.49 -24.12 -25.05
N LEU A 274 -3.86 -24.89 -24.03
CA LEU A 274 -4.43 -26.22 -24.25
C LEU A 274 -5.83 -26.30 -23.62
N LYS A 275 -6.68 -27.19 -24.13
CA LYS A 275 -8.03 -27.37 -23.60
C LYS A 275 -8.01 -27.61 -22.08
N ASP A 276 -9.10 -27.27 -21.40
CA ASP A 276 -9.16 -27.49 -19.96
C ASP A 276 -8.97 -28.99 -19.71
N GLY A 277 -7.72 -29.41 -19.60
CA GLY A 277 -7.45 -30.81 -19.35
C GLY A 277 -7.06 -31.09 -17.92
N THR A 278 -6.11 -32.01 -17.75
CA THR A 278 -5.66 -32.39 -16.42
C THR A 278 -4.21 -32.90 -16.42
N THR A 279 -3.26 -32.02 -16.14
CA THR A 279 -1.85 -32.41 -16.12
C THR A 279 -1.25 -32.33 -14.72
N THR A 280 0.04 -32.00 -14.64
CA THR A 280 0.76 -31.89 -13.37
C THR A 280 1.88 -30.84 -13.43
N LEU A 281 2.38 -30.45 -12.25
CA LEU A 281 3.48 -29.48 -12.11
C LEU A 281 4.52 -30.15 -11.22
N GLY A 282 5.64 -30.60 -11.82
CA GLY A 282 6.64 -31.31 -11.05
C GLY A 282 6.01 -32.65 -10.71
N ASP A 283 5.84 -32.95 -9.43
CA ASP A 283 5.22 -34.21 -9.01
C ASP A 283 3.90 -33.92 -8.27
N LEU A 284 2.96 -33.24 -8.94
CA LEU A 284 1.67 -32.87 -8.35
C LEU A 284 0.60 -32.72 -9.40
N VAL A 285 -0.59 -33.27 -9.16
CA VAL A 285 -1.68 -33.17 -10.13
C VAL A 285 -2.36 -31.80 -10.09
N VAL A 286 -2.71 -31.29 -11.27
CA VAL A 286 -3.34 -29.98 -11.40
C VAL A 286 -4.54 -30.10 -12.31
N LYS A 287 -5.62 -29.41 -11.95
CA LYS A 287 -6.85 -29.41 -12.73
C LYS A 287 -6.99 -28.03 -13.30
N VAL A 288 -7.34 -27.95 -14.58
CA VAL A 288 -7.52 -26.67 -15.23
C VAL A 288 -8.97 -26.48 -15.68
N LYS A 289 -9.66 -25.56 -15.00
CA LYS A 289 -11.05 -25.23 -15.32
C LYS A 289 -11.09 -23.76 -15.73
N ASP A 290 -11.58 -23.51 -16.93
CA ASP A 290 -11.67 -22.15 -17.45
C ASP A 290 -10.34 -21.42 -17.49
N GLY A 291 -9.27 -22.16 -17.78
CA GLY A 291 -7.96 -21.52 -17.87
C GLY A 291 -7.25 -21.35 -16.55
N VAL A 292 -7.99 -21.49 -15.46
CA VAL A 292 -7.40 -21.35 -14.13
C VAL A 292 -6.93 -22.70 -13.62
N PRO A 293 -5.61 -22.89 -13.55
CA PRO A 293 -5.12 -24.17 -13.06
C PRO A 293 -4.95 -24.13 -11.54
N ARG A 294 -5.49 -25.14 -10.87
CA ARG A 294 -5.35 -25.24 -9.43
C ARG A 294 -5.17 -26.68 -8.94
N LEU A 295 -4.57 -26.83 -7.76
CA LEU A 295 -4.40 -28.13 -7.15
C LEU A 295 -5.80 -28.57 -6.78
N GLU A 296 -5.94 -29.83 -6.38
CA GLU A 296 -7.25 -30.34 -6.00
C GLU A 296 -7.80 -29.55 -4.80
N ASP A 297 -6.93 -29.16 -3.88
CA ASP A 297 -7.38 -28.40 -2.72
C ASP A 297 -7.75 -26.94 -3.03
N GLY A 298 -7.68 -26.54 -4.31
CA GLY A 298 -8.01 -25.16 -4.67
C GLY A 298 -6.85 -24.20 -4.90
N THR A 299 -5.65 -24.54 -4.41
CA THR A 299 -4.48 -23.67 -4.57
C THR A 299 -4.15 -23.35 -6.03
N LEU A 300 -3.91 -22.09 -6.34
CA LEU A 300 -3.54 -21.74 -7.70
C LEU A 300 -2.24 -22.48 -8.01
N ALA A 301 -2.14 -23.03 -9.21
CA ALA A 301 -0.95 -23.76 -9.64
C ALA A 301 -0.35 -23.15 -10.91
N GLY A 302 0.09 -21.90 -10.85
CA GLY A 302 0.65 -21.23 -12.02
C GLY A 302 -0.47 -20.52 -12.77
N SER A 303 -0.32 -20.36 -14.08
CA SER A 303 -1.36 -19.70 -14.89
C SER A 303 -1.30 -20.20 -16.32
N THR A 304 -2.24 -19.74 -17.14
CA THR A 304 -2.25 -20.10 -18.55
C THR A 304 -2.17 -18.78 -19.33
N LEU A 305 -1.70 -17.75 -18.64
CA LEU A 305 -1.55 -16.41 -19.17
C LEU A 305 -0.45 -16.30 -20.23
N PHE A 306 -0.79 -15.84 -21.44
CA PHE A 306 0.22 -15.63 -22.48
C PHE A 306 0.85 -14.28 -22.18
N PHE A 307 2.16 -14.13 -22.40
CA PHE A 307 2.78 -12.86 -22.08
C PHE A 307 2.03 -11.72 -22.73
N SER A 308 1.72 -11.90 -24.00
CA SER A 308 0.99 -10.88 -24.76
C SER A 308 -0.29 -10.42 -24.05
N GLN A 309 -1.01 -11.36 -23.42
CA GLN A 309 -2.25 -11.03 -22.72
C GLN A 309 -1.91 -10.27 -21.46
N ALA A 310 -0.78 -10.63 -20.85
CA ALA A 310 -0.31 -9.98 -19.64
C ALA A 310 -0.18 -8.48 -19.90
N VAL A 311 0.42 -8.12 -21.02
CA VAL A 311 0.61 -6.72 -21.35
C VAL A 311 -0.71 -5.99 -21.55
N LYS A 312 -1.62 -6.62 -22.29
CA LYS A 312 -2.90 -6.00 -22.55
C LYS A 312 -3.63 -5.80 -21.23
N ASN A 313 -3.62 -6.85 -20.39
CA ASN A 313 -4.32 -6.80 -19.13
C ASN A 313 -3.81 -5.67 -18.29
N PHE A 314 -2.49 -5.65 -18.08
CA PHE A 314 -1.88 -4.63 -17.26
C PHE A 314 -2.27 -3.27 -17.73
N ARG A 315 -2.18 -3.08 -19.05
CA ARG A 315 -2.53 -1.81 -19.65
C ARG A 315 -3.98 -1.43 -19.36
N LYS A 316 -4.88 -2.41 -19.39
CA LYS A 316 -6.29 -2.12 -19.17
C LYS A 316 -6.58 -1.87 -17.70
N PHE A 317 -5.98 -2.67 -16.83
CA PHE A 317 -6.21 -2.53 -15.40
C PHE A 317 -5.77 -1.17 -14.88
N THR A 318 -4.63 -0.68 -15.36
CA THR A 318 -4.06 0.56 -14.87
C THR A 318 -4.28 1.81 -15.70
N GLY A 319 -4.44 1.65 -17.02
CA GLY A 319 -4.59 2.82 -17.85
C GLY A 319 -3.24 3.50 -18.02
N CYS A 320 -2.14 2.77 -17.80
CA CYS A 320 -0.81 3.37 -17.94
C CYS A 320 -0.48 3.64 -19.41
N SER A 321 0.63 4.32 -19.65
CA SER A 321 1.04 4.63 -21.02
C SER A 321 1.85 3.48 -21.60
N ILE A 322 2.04 3.49 -22.93
CA ILE A 322 2.83 2.45 -23.58
C ILE A 322 4.26 2.59 -23.16
N THR A 323 4.67 3.77 -22.75
CA THR A 323 6.03 3.95 -22.24
C THR A 323 6.21 3.21 -20.91
N GLU A 324 5.17 3.22 -20.07
CA GLU A 324 5.27 2.53 -18.79
C GLU A 324 5.19 1.02 -18.93
N LEU A 325 4.46 0.58 -19.96
CA LEU A 325 4.29 -0.83 -20.25
C LEU A 325 5.61 -1.41 -20.71
N ALA A 326 6.46 -0.58 -21.30
CA ALA A 326 7.76 -1.04 -21.73
C ALA A 326 8.64 -1.35 -20.52
N LYS A 327 8.44 -0.62 -19.43
CA LYS A 327 9.26 -0.84 -18.26
C LYS A 327 8.87 -2.14 -17.59
N VAL A 328 7.57 -2.34 -17.44
CA VAL A 328 7.07 -3.54 -16.81
C VAL A 328 7.16 -4.79 -17.68
N SER A 329 7.19 -4.61 -18.99
CA SER A 329 7.28 -5.78 -19.85
C SER A 329 8.69 -6.16 -20.28
N SER A 330 9.66 -5.27 -20.13
CA SER A 330 11.03 -5.64 -20.51
C SER A 330 12.16 -4.89 -19.80
N TYR A 331 12.12 -3.56 -19.84
CA TYR A 331 13.17 -2.78 -19.24
C TYR A 331 13.50 -3.09 -17.77
N ASN A 332 12.47 -3.18 -16.92
CA ASN A 332 12.73 -3.47 -15.52
C ASN A 332 13.51 -4.80 -15.34
N SER A 333 13.14 -5.85 -16.05
CA SER A 333 13.86 -7.13 -15.90
C SER A 333 15.27 -6.98 -16.41
N CYS A 334 15.39 -6.32 -17.54
CA CYS A 334 16.69 -6.13 -18.12
C CYS A 334 17.62 -5.47 -17.11
N VAL A 335 17.11 -4.50 -16.36
CA VAL A 335 17.93 -3.82 -15.38
C VAL A 335 18.29 -4.78 -14.27
N GLU A 336 17.37 -5.64 -13.90
CA GLU A 336 17.69 -6.57 -12.81
C GLU A 336 18.74 -7.58 -13.22
N LEU A 337 18.58 -8.09 -14.42
CA LEU A 337 19.46 -9.11 -14.96
C LEU A 337 20.77 -8.62 -15.55
N GLY A 338 21.02 -7.32 -15.45
CA GLY A 338 22.24 -6.76 -16.00
C GLY A 338 22.29 -6.82 -17.52
N LEU A 339 21.14 -6.69 -18.20
CA LEU A 339 21.13 -6.72 -19.66
C LEU A 339 21.14 -5.27 -20.19
N ASP A 340 22.29 -4.64 -20.05
CA ASP A 340 22.50 -3.26 -20.43
C ASP A 340 22.23 -2.85 -21.88
N ASP A 341 22.16 -3.81 -22.79
CA ASP A 341 21.91 -3.50 -24.20
C ASP A 341 20.60 -4.12 -24.67
N ARG A 342 19.64 -4.27 -23.76
CA ARG A 342 18.35 -4.86 -24.08
C ARG A 342 17.31 -3.96 -23.41
N GLY A 343 16.03 -4.16 -23.71
CA GLY A 343 14.97 -3.38 -23.10
C GLY A 343 14.93 -1.93 -23.53
N ARG A 344 15.52 -1.65 -24.68
CA ARG A 344 15.56 -0.29 -25.18
C ARG A 344 15.46 -0.27 -26.70
N ILE A 345 15.09 0.91 -27.20
CA ILE A 345 15.04 1.18 -28.62
C ILE A 345 15.81 2.47 -28.68
N ALA A 346 17.12 2.34 -28.58
CA ALA A 346 18.04 3.46 -28.61
C ALA A 346 19.32 3.05 -29.36
N GLU A 347 19.96 4.02 -30.00
CA GLU A 347 21.17 3.73 -30.73
C GLU A 347 22.26 3.08 -29.86
N GLY A 348 22.81 1.99 -30.37
CA GLY A 348 23.86 1.27 -29.67
C GLY A 348 23.43 -0.01 -28.97
N THR A 349 22.13 -0.24 -28.89
CA THR A 349 21.64 -1.44 -28.20
C THR A 349 21.23 -2.58 -29.13
N ARG A 350 20.96 -3.75 -28.53
CA ARG A 350 20.55 -4.92 -29.29
C ARG A 350 19.15 -4.80 -29.89
N ALA A 351 19.02 -5.25 -31.14
CA ALA A 351 17.74 -5.18 -31.81
C ALA A 351 16.77 -6.32 -31.44
N ASP A 352 16.34 -6.38 -30.18
CA ASP A 352 15.32 -7.36 -29.78
C ASP A 352 14.07 -6.46 -29.72
N LEU A 353 13.17 -6.67 -30.67
CA LEU A 353 11.99 -5.81 -30.75
C LEU A 353 10.69 -6.54 -31.03
N VAL A 354 9.58 -5.89 -30.71
CA VAL A 354 8.28 -6.47 -31.00
C VAL A 354 7.41 -5.38 -31.63
N LEU A 355 6.80 -5.71 -32.74
CA LEU A 355 5.90 -4.77 -33.42
C LEU A 355 4.45 -5.22 -33.10
N LEU A 356 3.58 -4.26 -32.77
CA LEU A 356 2.20 -4.58 -32.42
C LEU A 356 1.18 -3.69 -33.12
N ASP A 357 -0.09 -4.11 -33.15
CA ASP A 357 -1.12 -3.25 -33.74
C ASP A 357 -1.51 -2.33 -32.56
N GLU A 358 -2.36 -1.33 -32.79
CA GLU A 358 -2.72 -0.39 -31.71
C GLU A 358 -3.38 -1.03 -30.51
N ASP A 359 -3.99 -2.19 -30.70
CA ASP A 359 -4.60 -2.91 -29.60
C ASP A 359 -3.58 -3.78 -28.88
N LEU A 360 -2.31 -3.64 -29.28
CA LEU A 360 -1.22 -4.40 -28.68
C LEU A 360 -1.21 -5.89 -29.03
N ASN A 361 -1.70 -6.22 -30.22
CA ASN A 361 -1.65 -7.61 -30.67
C ASN A 361 -0.28 -7.70 -31.35
N VAL A 362 0.45 -8.77 -31.04
CA VAL A 362 1.76 -8.94 -31.64
C VAL A 362 1.63 -9.26 -33.11
N VAL A 363 2.40 -8.56 -33.93
CA VAL A 363 2.36 -8.81 -35.35
C VAL A 363 3.76 -9.16 -35.88
N MSE A 364 4.79 -8.97 -35.08
CA MSE A 364 6.12 -9.28 -35.55
C MSE A 364 7.14 -9.20 -34.43
O MSE A 364 7.13 -8.26 -33.63
CB MSE A 364 6.52 -8.34 -36.68
CG MSE A 364 7.92 -8.64 -37.24
SE MSE A 364 8.37 -7.71 -38.95
CE MSE A 364 9.75 -6.46 -38.38
N THR A 365 8.03 -10.19 -34.37
CA THR A 365 9.05 -10.21 -33.34
C THR A 365 10.40 -10.30 -34.02
N ILE A 366 11.36 -9.58 -33.46
CA ILE A 366 12.71 -9.55 -33.98
C ILE A 366 13.65 -9.86 -32.84
N LYS A 367 14.56 -10.80 -33.06
CA LYS A 367 15.57 -11.23 -32.07
C LYS A 367 16.90 -11.01 -32.79
N GLU A 368 17.80 -10.20 -32.26
CA GLU A 368 19.05 -9.98 -32.96
C GLU A 368 18.80 -9.66 -34.45
N GLY A 369 18.20 -8.50 -34.73
CA GLY A 369 17.95 -8.09 -36.10
C GLY A 369 17.30 -9.07 -37.08
N GLU A 370 16.95 -10.26 -36.63
CA GLU A 370 16.30 -11.24 -37.50
C GLU A 370 14.83 -11.42 -37.08
N VAL A 371 13.93 -11.33 -38.06
CA VAL A 371 12.50 -11.52 -37.84
C VAL A 371 12.29 -12.96 -37.46
N VAL A 372 11.76 -13.24 -36.27
CA VAL A 372 11.56 -14.63 -35.88
C VAL A 372 10.10 -14.98 -35.77
N PHE A 373 9.26 -14.02 -36.12
CA PHE A 373 7.81 -14.23 -36.05
C PHE A 373 7.03 -13.13 -36.76
N ARG A 374 6.02 -13.55 -37.53
CA ARG A 374 5.14 -12.63 -38.25
C ARG A 374 3.80 -13.31 -38.09
N SER A 375 2.73 -12.56 -37.78
CA SER A 375 1.43 -13.22 -37.62
C SER A 375 0.72 -13.36 -38.98
N ARG A 376 -0.13 -14.28 -39.10
N MSE B 13 -2.32 41.31 21.97
CA MSE B 13 -3.21 40.68 20.93
C MSE B 13 -2.34 40.43 19.69
O MSE B 13 -2.82 40.35 18.57
CB MSE B 13 -4.36 41.65 20.59
CG MSE B 13 -4.95 42.36 21.81
SE MSE B 13 -6.66 43.35 21.52
CE MSE B 13 -7.78 42.68 23.01
N ILE B 14 -1.03 40.32 19.94
CA ILE B 14 -0.07 40.07 18.87
C ILE B 14 1.05 39.09 19.23
N VAL B 15 1.24 38.10 18.38
CA VAL B 15 2.32 37.14 18.56
C VAL B 15 3.22 37.47 17.39
N GLU B 16 4.42 37.93 17.67
CA GLU B 16 5.31 38.33 16.60
C GLU B 16 6.64 37.60 16.55
N LYS B 17 7.25 37.72 15.37
CA LYS B 17 8.53 37.12 15.07
C LYS B 17 8.57 35.61 15.21
N VAL B 18 7.51 34.94 14.77
CA VAL B 18 7.46 33.48 14.85
C VAL B 18 7.50 32.91 13.45
N LEU B 19 7.71 31.60 13.36
CA LEU B 19 7.71 30.88 12.08
C LEU B 19 6.24 30.47 11.96
N ILE B 20 5.51 31.17 11.11
CA ILE B 20 4.11 30.88 10.89
C ILE B 20 4.01 29.71 9.93
N VAL B 21 3.05 28.83 10.16
CA VAL B 21 2.89 27.69 9.28
C VAL B 21 1.43 27.53 8.86
N ASP B 22 1.10 27.90 7.64
CA ASP B 22 -0.27 27.74 7.17
C ASP B 22 -0.26 26.51 6.28
N PRO B 23 -1.32 25.71 6.35
CA PRO B 23 -1.45 24.49 5.57
C PRO B 23 -1.38 24.76 4.10
N ILE B 24 -1.93 25.91 3.72
CA ILE B 24 -2.01 26.29 2.33
C ILE B 24 -1.01 27.30 1.85
N ASP B 25 -0.69 28.28 2.70
CA ASP B 25 0.25 29.32 2.34
C ASP B 25 1.67 28.96 2.75
N GLY B 26 1.88 27.75 3.21
CA GLY B 26 3.23 27.36 3.58
C GLY B 26 3.82 28.05 4.81
N GLU B 27 5.13 27.90 4.99
CA GLU B 27 5.78 28.50 6.15
C GLU B 27 6.54 29.78 5.83
N PHE B 28 6.56 30.70 6.78
CA PHE B 28 7.26 31.97 6.62
C PHE B 28 7.36 32.65 7.97
N THR B 29 8.35 33.51 8.12
CA THR B 29 8.53 34.25 9.36
C THR B 29 7.54 35.41 9.38
N GLY B 30 7.02 35.75 10.56
CA GLY B 30 6.07 36.85 10.61
C GLY B 30 5.43 37.22 11.93
N ASP B 31 4.35 37.97 11.81
CA ASP B 31 3.58 38.48 12.95
C ASP B 31 2.12 38.19 12.73
N VAL B 32 1.40 37.84 13.81
CA VAL B 32 -0.04 37.56 13.72
C VAL B 32 -0.85 38.46 14.66
N GLU B 33 -1.85 39.14 14.11
CA GLU B 33 -2.68 40.03 14.92
C GLU B 33 -4.04 39.43 15.17
N ILE B 34 -4.38 39.33 16.44
CA ILE B 34 -5.62 38.75 16.84
C ILE B 34 -6.53 39.82 17.46
N GLU B 35 -7.79 39.83 17.07
CA GLU B 35 -8.69 40.82 17.63
C GLU B 35 -10.07 40.25 17.83
N GLU B 36 -10.54 40.24 19.08
CA GLU B 36 -11.86 39.71 19.36
C GLU B 36 -12.00 38.28 18.84
N GLY B 37 -11.05 37.42 19.20
CA GLY B 37 -11.12 36.03 18.78
C GLY B 37 -10.94 35.73 17.30
N LYS B 38 -10.51 36.71 16.54
CA LYS B 38 -10.35 36.55 15.10
C LYS B 38 -8.94 36.98 14.66
N ILE B 39 -8.38 36.28 13.68
CA ILE B 39 -7.06 36.62 13.15
C ILE B 39 -7.29 37.75 12.16
N VAL B 40 -6.85 38.95 12.52
CA VAL B 40 -7.08 40.09 11.63
C VAL B 40 -5.93 40.43 10.69
N LYS B 41 -4.69 40.13 11.08
CA LYS B 41 -3.59 40.38 10.16
C LYS B 41 -2.49 39.39 10.33
N VAL B 42 -2.00 38.91 9.18
CA VAL B 42 -0.92 37.96 9.10
C VAL B 42 0.07 38.70 8.23
N GLU B 43 1.25 39.01 8.74
CA GLU B 43 2.17 39.72 7.87
C GLU B 43 3.55 39.11 7.85
N LYS B 44 4.03 38.85 6.64
CA LYS B 44 5.33 38.26 6.43
C LYS B 44 6.38 39.28 6.72
N ARG B 45 7.19 39.02 7.73
CA ARG B 45 8.26 39.92 8.12
C ARG B 45 9.55 39.13 8.26
N GLU B 46 10.59 39.53 7.55
CA GLU B 46 11.88 38.85 7.61
C GLU B 46 12.48 38.96 9.02
N CYS B 47 13.23 37.93 9.41
CA CYS B 47 13.91 37.87 10.70
C CYS B 47 14.00 36.45 11.20
N ILE B 48 14.79 36.25 12.24
CA ILE B 48 14.97 34.93 12.81
C ILE B 48 13.78 34.60 13.72
N PRO B 49 13.13 33.48 13.46
CA PRO B 49 11.97 33.00 14.21
C PRO B 49 12.12 32.84 15.72
N ARG B 50 11.06 33.23 16.43
CA ARG B 50 10.97 33.12 17.89
C ARG B 50 10.71 31.63 18.08
N GLY B 51 9.50 31.21 17.72
CA GLY B 51 9.10 29.81 17.81
C GLY B 51 8.34 29.38 16.55
N VAL B 52 7.52 28.35 16.68
CA VAL B 52 6.73 27.83 15.57
C VAL B 52 5.27 27.98 15.88
N LEU B 53 4.53 28.66 15.02
CA LEU B 53 3.11 28.85 15.24
C LEU B 53 2.34 28.00 14.25
N MSE B 54 1.34 27.26 14.73
CA MSE B 54 0.51 26.39 13.88
C MSE B 54 -0.98 26.53 14.17
O MSE B 54 -1.37 27.05 15.22
CB MSE B 54 0.89 24.92 14.08
CG MSE B 54 2.31 24.59 13.70
SE MSE B 54 2.75 22.70 13.97
CE MSE B 54 2.03 21.95 12.33
N PRO B 55 -1.84 26.10 13.23
CA PRO B 55 -3.27 26.24 13.59
C PRO B 55 -3.51 25.26 14.75
N GLY B 56 -4.46 25.58 15.61
CA GLY B 56 -4.73 24.73 16.75
C GLY B 56 -5.01 23.31 16.34
N PHE B 57 -4.47 22.36 17.10
CA PHE B 57 -4.66 20.96 16.79
C PHE B 57 -6.13 20.53 16.92
N VAL B 58 -6.51 19.56 16.09
CA VAL B 58 -7.86 19.04 16.08
C VAL B 58 -7.87 17.53 16.28
N ASP B 59 -8.56 17.02 17.30
CA ASP B 59 -8.62 15.57 17.49
C ASP B 59 -10.04 15.10 17.42
N PRO B 60 -10.41 14.44 16.31
CA PRO B 60 -11.78 13.96 16.12
C PRO B 60 -12.04 12.61 16.75
N HIS B 61 -11.02 12.00 17.32
CA HIS B 61 -11.23 10.70 17.93
C HIS B 61 -10.44 10.50 19.21
N ILE B 62 -11.12 10.73 20.35
CA ILE B 62 -10.55 10.60 21.69
C ILE B 62 -11.65 10.25 22.69
N HIS B 63 -11.45 9.19 23.46
CA HIS B 63 -12.46 8.75 24.42
C HIS B 63 -12.31 9.39 25.78
N GLY B 64 -11.09 9.39 26.29
CA GLY B 64 -10.83 9.97 27.57
C GLY B 64 -9.37 10.35 27.67
N VAL B 65 -9.02 10.99 28.78
CA VAL B 65 -7.64 11.41 29.00
C VAL B 65 -7.53 11.85 30.46
N VAL B 66 -6.40 11.50 31.09
CA VAL B 66 -6.11 11.76 32.50
C VAL B 66 -7.30 11.62 33.47
N GLY B 67 -7.89 10.44 33.51
CA GLY B 67 -9.01 10.23 34.42
C GLY B 67 -10.33 10.76 33.92
N ALA B 68 -10.31 11.63 32.91
CA ALA B 68 -11.52 12.17 32.35
C ALA B 68 -12.01 11.21 31.25
N ASP B 69 -13.31 10.97 31.22
CA ASP B 69 -13.91 10.01 30.29
C ASP B 69 -15.17 10.56 29.61
N THR B 70 -15.31 10.29 28.30
CA THR B 70 -16.50 10.73 27.56
C THR B 70 -17.76 10.05 28.10
N MSE B 71 -17.63 8.79 28.51
CA MSE B 71 -18.77 8.05 29.01
C MSE B 71 -19.37 8.66 30.31
O MSE B 71 -20.56 8.55 30.56
CB MSE B 71 -18.38 6.58 29.22
CG MSE B 71 -18.00 5.84 27.94
SE MSE B 71 -19.37 5.82 26.49
CE MSE B 71 -20.71 4.72 27.38
N ASN B 72 -18.52 9.30 31.10
CA ASN B 72 -18.94 9.96 32.32
C ASN B 72 -19.19 11.42 32.03
N CYS B 73 -19.05 11.79 30.75
CA CYS B 73 -19.27 13.17 30.29
C CYS B 73 -18.40 14.17 31.04
N ASP B 74 -17.13 13.83 31.21
CA ASP B 74 -16.18 14.72 31.90
C ASP B 74 -15.66 15.73 30.90
N PHE B 75 -16.56 16.38 30.21
CA PHE B 75 -16.15 17.34 29.21
C PHE B 75 -15.20 18.41 29.73
N SER B 76 -15.52 19.02 30.86
CA SER B 76 -14.69 20.08 31.41
C SER B 76 -13.23 19.64 31.59
N GLU B 77 -13.03 18.50 32.26
CA GLU B 77 -11.68 18.00 32.50
C GLU B 77 -10.90 17.73 31.21
N MSE B 78 -11.59 17.17 30.22
CA MSE B 78 -10.97 16.88 28.94
C MSE B 78 -10.47 18.14 28.25
O MSE B 78 -9.32 18.22 27.83
CB MSE B 78 -11.98 16.15 28.05
CG MSE B 78 -12.32 14.75 28.56
SE MSE B 78 -13.48 13.72 27.38
CE MSE B 78 -12.24 13.35 25.92
N GLU B 79 -11.36 19.13 28.15
CA GLU B 79 -11.05 20.39 27.51
C GLU B 79 -9.80 21.04 28.09
N GLU B 80 -9.77 21.16 29.42
CA GLU B 80 -8.65 21.77 30.09
C GLU B 80 -7.30 21.13 29.80
N PHE B 81 -7.25 19.82 29.89
CA PHE B 81 -6.02 19.10 29.65
C PHE B 81 -5.55 19.16 28.20
N LEU B 82 -6.48 19.01 27.27
CA LEU B 82 -6.14 19.03 25.87
C LEU B 82 -5.46 20.35 25.49
N TYR B 83 -5.78 21.42 26.20
CA TYR B 83 -5.15 22.66 25.83
C TYR B 83 -3.63 22.56 25.99
N SER B 84 -3.17 21.75 26.93
CA SER B 84 -1.73 21.63 27.13
C SER B 84 -1.08 20.79 26.02
N GLN B 85 -1.91 20.26 25.12
CA GLN B 85 -1.48 19.43 23.99
C GLN B 85 -1.67 20.23 22.71
N GLY B 86 -2.09 21.48 22.90
CA GLY B 86 -2.31 22.39 21.80
C GLY B 86 -3.55 22.05 21.02
N VAL B 87 -4.44 21.24 21.59
CA VAL B 87 -5.66 20.87 20.90
C VAL B 87 -6.74 21.90 21.19
N THR B 88 -7.22 22.60 20.16
CA THR B 88 -8.27 23.61 20.31
C THR B 88 -9.66 23.18 19.76
N THR B 89 -9.76 21.94 19.32
CA THR B 89 -11.02 21.40 18.82
C THR B 89 -10.95 19.87 18.99
N PHE B 90 -11.96 19.27 19.63
CA PHE B 90 -11.97 17.83 19.77
C PHE B 90 -13.36 17.25 19.76
N LEU B 91 -13.46 15.94 19.54
CA LEU B 91 -14.75 15.26 19.52
C LEU B 91 -14.74 14.24 20.63
N ALA B 92 -15.55 14.42 21.66
CA ALA B 92 -15.61 13.42 22.74
C ALA B 92 -16.20 12.19 22.03
N THR B 93 -15.51 11.07 22.13
CA THR B 93 -15.88 9.86 21.44
C THR B 93 -16.40 8.74 22.34
N THR B 94 -17.53 8.18 21.94
CA THR B 94 -18.17 7.09 22.67
C THR B 94 -17.67 5.76 22.16
N VAL B 95 -18.27 4.70 22.68
CA VAL B 95 -17.97 3.34 22.24
C VAL B 95 -19.38 2.76 22.12
N SER B 96 -19.49 1.50 21.69
CA SER B 96 -20.81 0.86 21.54
C SER B 96 -21.53 0.90 22.90
N THR B 97 -22.77 1.37 22.89
CA THR B 97 -23.49 1.50 24.13
C THR B 97 -25.00 1.44 23.92
N SER B 98 -25.76 1.51 25.00
CA SER B 98 -27.21 1.47 24.89
C SER B 98 -27.73 2.74 24.26
N LEU B 99 -28.93 2.67 23.69
CA LEU B 99 -29.53 3.85 23.09
C LEU B 99 -29.58 4.86 24.25
N GLU B 100 -29.97 4.38 25.43
CA GLU B 100 -30.08 5.22 26.62
C GLU B 100 -28.82 6.03 26.95
N LYS B 101 -27.70 5.36 27.28
CA LYS B 101 -26.49 6.12 27.60
C LYS B 101 -26.04 7.00 26.44
N MSE B 102 -26.55 6.70 25.25
CA MSE B 102 -26.18 7.49 24.12
C MSE B 102 -26.90 8.81 24.10
O MSE B 102 -26.34 9.82 23.71
CB MSE B 102 -26.45 6.73 22.85
CG MSE B 102 -25.75 7.33 21.67
SE MSE B 102 -26.33 6.41 20.07
CE MSE B 102 -25.97 4.53 20.61
N LYS B 103 -28.17 8.80 24.50
CA LYS B 103 -28.96 10.02 24.51
C LYS B 103 -28.48 10.98 25.60
N GLU B 104 -28.06 10.39 26.71
CA GLU B 104 -27.57 11.10 27.89
C GLU B 104 -26.27 11.81 27.51
N ILE B 105 -25.36 11.06 26.89
CA ILE B 105 -24.08 11.61 26.46
C ILE B 105 -24.34 12.76 25.48
N LEU B 106 -25.24 12.56 24.52
CA LEU B 106 -25.55 13.64 23.58
C LEU B 106 -26.25 14.81 24.27
N ARG B 107 -27.08 14.50 25.27
CA ARG B 107 -27.81 15.52 26.02
C ARG B 107 -26.90 16.39 26.86
N LYS B 108 -25.90 15.78 27.49
CA LYS B 108 -25.01 16.55 28.34
C LYS B 108 -24.01 17.34 27.51
N ALA B 109 -23.61 16.78 26.37
CA ALA B 109 -22.69 17.44 25.47
C ALA B 109 -23.38 18.70 24.97
N ARG B 110 -24.66 18.58 24.63
CA ARG B 110 -25.43 19.72 24.16
C ARG B 110 -25.41 20.80 25.25
N ASP B 111 -25.76 20.42 26.49
CA ASP B 111 -25.77 21.35 27.62
C ASP B 111 -24.41 21.99 27.82
N TYR B 112 -23.36 21.18 27.80
CA TYR B 112 -22.02 21.73 27.99
C TYR B 112 -21.67 22.81 26.93
N ILE B 113 -21.99 22.55 25.67
CA ILE B 113 -21.70 23.53 24.62
C ILE B 113 -22.50 24.84 24.78
N LEU B 114 -23.80 24.75 25.10
CA LEU B 114 -24.63 25.95 25.32
C LEU B 114 -24.10 26.86 26.43
N GLU B 115 -23.48 26.24 27.44
CA GLU B 115 -22.93 26.92 28.61
C GLU B 115 -21.50 27.45 28.46
N ASN B 116 -20.71 26.84 27.57
CA ASN B 116 -19.32 27.24 27.34
C ASN B 116 -19.22 27.45 25.84
N PRO B 117 -19.82 28.53 25.35
CA PRO B 117 -19.84 28.88 23.93
C PRO B 117 -18.51 28.79 23.16
N SER B 118 -17.41 29.23 23.76
CA SER B 118 -16.16 29.15 23.04
C SER B 118 -15.30 27.95 23.45
N THR B 119 -15.95 26.84 23.76
CA THR B 119 -15.28 25.59 24.16
C THR B 119 -14.61 24.86 22.96
N SER B 120 -13.61 24.02 23.23
CA SER B 120 -12.95 23.26 22.19
C SER B 120 -13.80 22.04 21.79
N LEU B 121 -14.81 21.73 22.59
CA LEU B 121 -15.68 20.59 22.29
C LEU B 121 -16.63 20.94 21.16
N LEU B 122 -16.37 20.35 19.99
CA LEU B 122 -17.18 20.56 18.81
C LEU B 122 -18.43 19.70 18.93
N GLY B 123 -18.28 18.57 19.59
CA GLY B 123 -19.39 17.67 19.75
C GLY B 123 -18.96 16.24 20.04
N VAL B 124 -19.82 15.31 19.66
CA VAL B 124 -19.57 13.91 19.90
C VAL B 124 -19.35 13.07 18.63
N HIS B 125 -18.43 12.12 18.72
CA HIS B 125 -18.16 11.20 17.64
C HIS B 125 -18.70 9.87 18.18
N LEU B 126 -19.72 9.34 17.50
CA LEU B 126 -20.35 8.08 17.88
C LEU B 126 -19.60 6.93 17.21
N GLU B 127 -18.76 6.25 17.99
CA GLU B 127 -18.04 5.12 17.45
C GLU B 127 -18.82 3.89 17.92
N GLY B 128 -19.59 3.31 17.00
CA GLY B 128 -20.43 2.19 17.32
C GLY B 128 -21.78 2.87 17.53
N PRO B 129 -22.85 2.10 17.84
CA PRO B 129 -22.79 0.65 17.98
C PRO B 129 -23.03 -0.06 16.66
N TYR B 130 -23.07 0.70 15.57
CA TYR B 130 -23.35 0.11 14.25
C TYR B 130 -22.11 -0.41 13.54
N ILE B 131 -21.42 -1.30 14.21
CA ILE B 131 -20.21 -1.87 13.66
C ILE B 131 -20.43 -3.36 13.56
N SER B 132 -19.43 -4.09 13.08
CA SER B 132 -19.56 -5.54 12.94
C SER B 132 -18.91 -6.20 14.14
N LYS B 133 -19.45 -7.35 14.56
CA LYS B 133 -18.95 -8.09 15.71
C LYS B 133 -17.65 -8.84 15.44
N GLU B 134 -17.35 -9.09 14.17
CA GLU B 134 -16.11 -9.80 13.84
C GLU B 134 -14.94 -8.88 14.13
N LYS B 135 -15.19 -7.57 14.01
CA LYS B 135 -14.14 -6.58 14.22
C LYS B 135 -14.50 -5.57 15.32
N LYS B 136 -15.01 -6.06 16.44
CA LYS B 136 -15.42 -5.17 17.50
C LYS B 136 -14.31 -4.60 18.36
N GLY B 137 -13.07 -5.01 18.13
CA GLY B 137 -11.97 -4.51 18.95
C GLY B 137 -12.32 -4.59 20.43
N ALA B 138 -12.29 -3.47 21.13
CA ALA B 138 -12.63 -3.47 22.56
C ALA B 138 -14.09 -3.12 22.81
N HIS B 139 -14.92 -3.18 21.79
CA HIS B 139 -16.33 -2.84 21.95
C HIS B 139 -17.04 -4.04 22.57
N SER B 140 -18.05 -3.76 23.39
CA SER B 140 -18.84 -4.79 24.03
C SER B 140 -19.88 -5.33 23.04
N GLU B 141 -19.78 -6.61 22.71
CA GLU B 141 -20.70 -7.20 21.76
C GLU B 141 -22.18 -6.98 22.07
N LYS B 142 -22.51 -6.82 23.35
CA LYS B 142 -23.89 -6.62 23.79
C LYS B 142 -24.60 -5.39 23.24
N HIS B 143 -23.85 -4.36 22.86
CA HIS B 143 -24.51 -3.17 22.37
C HIS B 143 -24.42 -3.04 20.88
N ILE B 144 -23.57 -3.84 20.25
CA ILE B 144 -23.46 -3.76 18.81
C ILE B 144 -24.76 -4.28 18.22
N ARG B 145 -25.32 -3.57 17.25
CA ARG B 145 -26.55 -4.00 16.65
C ARG B 145 -26.82 -3.07 15.50
N PRO B 146 -27.67 -3.50 14.56
CA PRO B 146 -27.99 -2.68 13.39
C PRO B 146 -28.77 -1.43 13.69
N PRO B 147 -28.65 -0.42 12.81
CA PRO B 147 -29.39 0.81 13.04
C PRO B 147 -30.87 0.59 12.63
N SER B 148 -31.72 1.59 12.88
CA SER B 148 -33.13 1.49 12.52
C SER B 148 -33.67 2.89 12.37
N GLU B 149 -34.78 2.98 11.64
CA GLU B 149 -35.42 4.26 11.36
C GLU B 149 -35.64 5.01 12.67
N ARG B 150 -35.98 4.26 13.71
CA ARG B 150 -36.26 4.87 14.99
C ARG B 150 -35.02 5.28 15.72
N GLU B 151 -34.01 4.42 15.79
CA GLU B 151 -32.80 4.79 16.49
C GLU B 151 -32.18 6.01 15.86
N LEU B 152 -32.31 6.14 14.55
CA LEU B 152 -31.72 7.27 13.85
C LEU B 152 -32.33 8.61 14.16
N SER B 153 -33.59 8.63 14.56
CA SER B 153 -34.22 9.90 14.91
C SER B 153 -33.54 10.48 16.16
N GLU B 154 -33.01 9.60 17.02
CA GLU B 154 -32.32 10.06 18.24
C GLU B 154 -30.91 10.65 18.01
N ILE B 155 -30.40 10.61 16.78
CA ILE B 155 -29.04 11.12 16.45
C ILE B 155 -29.01 12.45 15.71
N ASP B 156 -28.45 13.48 16.34
CA ASP B 156 -28.35 14.81 15.75
C ASP B 156 -27.41 15.64 16.64
N SER B 157 -27.20 16.91 16.30
CA SER B 157 -26.32 17.79 17.08
C SER B 157 -26.51 17.53 18.58
N PRO B 158 -25.43 17.53 19.38
CA PRO B 158 -24.01 17.74 19.11
C PRO B 158 -23.27 16.56 18.46
N ALA B 159 -24.01 15.60 17.91
CA ALA B 159 -23.32 14.51 17.22
C ALA B 159 -22.70 15.17 15.99
N LYS B 160 -21.43 14.87 15.75
CA LYS B 160 -20.75 15.42 14.60
C LYS B 160 -20.03 14.38 13.75
N MSE B 161 -19.96 13.15 14.24
CA MSE B 161 -19.29 12.11 13.49
C MSE B 161 -19.79 10.73 13.92
O MSE B 161 -20.10 10.54 15.09
CB MSE B 161 -17.77 12.23 13.72
CG MSE B 161 -16.99 11.25 12.88
SE MSE B 161 -15.05 11.55 12.82
CE MSE B 161 -15.05 13.07 11.58
N LEU B 162 -19.88 9.78 12.98
CA LEU B 162 -20.35 8.42 13.29
C LEU B 162 -19.52 7.37 12.55
N THR B 163 -18.96 6.45 13.30
CA THR B 163 -18.19 5.40 12.65
C THR B 163 -19.11 4.20 12.58
N PHE B 164 -19.28 3.63 11.38
CA PHE B 164 -20.15 2.48 11.16
C PHE B 164 -19.48 1.48 10.18
N ALA B 165 -20.02 0.25 10.15
CA ALA B 165 -19.53 -0.79 9.25
C ALA B 165 -20.50 -0.87 8.07
N PRO B 166 -19.99 -0.64 6.85
CA PRO B 166 -20.84 -0.66 5.65
C PRO B 166 -21.54 -2.00 5.39
N GLU B 167 -21.01 -3.12 5.88
CA GLU B 167 -21.70 -4.39 5.62
C GLU B 167 -22.85 -4.74 6.57
N ILE B 168 -22.89 -4.08 7.72
CA ILE B 168 -23.95 -4.33 8.72
C ILE B 168 -25.36 -4.12 8.11
N GLU B 169 -26.36 -4.77 8.70
CA GLU B 169 -27.74 -4.65 8.20
C GLU B 169 -28.36 -3.24 8.30
N SER B 170 -29.09 -2.81 7.26
CA SER B 170 -29.73 -1.49 7.21
C SER B 170 -28.75 -0.31 7.25
N SER B 171 -27.47 -0.63 7.09
CA SER B 171 -26.38 0.36 7.11
C SER B 171 -26.68 1.57 6.22
N GLU B 172 -27.50 1.35 5.20
CA GLU B 172 -27.82 2.41 4.25
C GLU B 172 -28.58 3.53 4.92
N LEU B 173 -29.27 3.21 6.01
CA LEU B 173 -30.05 4.24 6.67
C LEU B 173 -29.16 5.34 7.23
N LEU B 174 -27.91 5.01 7.56
CA LEU B 174 -27.02 6.03 8.10
C LEU B 174 -26.76 7.24 7.19
N LEU B 175 -26.95 7.08 5.88
CA LEU B 175 -26.73 8.15 4.91
C LEU B 175 -27.58 9.40 5.16
N ARG B 176 -28.65 9.23 5.91
CA ARG B 176 -29.48 10.37 6.18
C ARG B 176 -28.87 11.27 7.24
N LEU B 177 -27.92 10.77 8.04
CA LEU B 177 -27.31 11.61 9.07
C LEU B 177 -26.41 12.67 8.49
N VAL B 178 -25.92 12.45 7.26
CA VAL B 178 -25.02 13.38 6.63
C VAL B 178 -25.61 14.79 6.53
N LYS B 179 -26.87 14.88 6.11
CA LYS B 179 -27.52 16.18 5.98
C LYS B 179 -27.76 16.87 7.32
N ARG B 180 -27.44 16.20 8.42
CA ARG B 180 -27.60 16.79 9.74
C ARG B 180 -26.22 17.22 10.26
N ASP B 181 -25.33 17.51 9.32
CA ASP B 181 -24.00 17.96 9.65
C ASP B 181 -23.23 16.90 10.42
N ILE B 182 -23.35 15.65 9.99
CA ILE B 182 -22.64 14.57 10.65
C ILE B 182 -21.77 13.87 9.61
N VAL B 183 -20.51 13.64 9.95
CA VAL B 183 -19.61 12.96 9.03
C VAL B 183 -19.63 11.48 9.30
N LEU B 184 -19.79 10.70 8.22
CA LEU B 184 -19.80 9.24 8.31
C LEU B 184 -18.37 8.81 8.14
N SER B 185 -17.96 7.76 8.84
CA SER B 185 -16.59 7.25 8.75
C SER B 185 -16.64 5.72 8.84
N ALA B 186 -15.91 5.01 7.99
CA ALA B 186 -15.96 3.53 8.02
C ALA B 186 -14.94 2.94 8.94
N GLY B 187 -15.34 1.91 9.70
CA GLY B 187 -14.45 1.24 10.65
C GLY B 187 -15.05 0.02 11.33
N HIS B 188 -14.25 -0.79 12.03
CA HIS B 188 -14.74 -1.99 12.71
C HIS B 188 -15.67 -2.70 11.74
N SER B 189 -15.08 -3.19 10.66
CA SER B 189 -15.87 -3.80 9.61
C SER B 189 -15.12 -4.82 8.77
N ILE B 190 -15.85 -5.78 8.25
CA ILE B 190 -15.25 -6.77 7.38
C ILE B 190 -15.87 -6.54 6.00
N ALA B 191 -16.25 -5.29 5.74
CA ALA B 191 -16.85 -4.90 4.46
C ALA B 191 -15.90 -5.15 3.27
N THR B 192 -16.45 -5.63 2.16
CA THR B 192 -15.59 -5.82 0.99
C THR B 192 -15.40 -4.50 0.29
N PHE B 193 -14.46 -4.51 -0.64
CA PHE B 193 -14.18 -3.33 -1.43
C PHE B 193 -15.49 -2.81 -2.02
N GLU B 194 -16.27 -3.68 -2.66
CA GLU B 194 -17.54 -3.26 -3.29
C GLU B 194 -18.62 -2.77 -2.30
N GLU B 195 -18.73 -3.40 -1.14
CA GLU B 195 -19.71 -2.94 -0.18
C GLU B 195 -19.30 -1.52 0.24
N PHE B 196 -17.99 -1.29 0.31
CA PHE B 196 -17.51 0.02 0.68
C PHE B 196 -17.80 1.04 -0.39
N MSE B 197 -17.64 0.65 -1.66
CA MSE B 197 -17.88 1.57 -2.79
C MSE B 197 -19.30 2.13 -2.84
O MSE B 197 -19.51 3.29 -3.23
CB MSE B 197 -17.58 0.88 -4.12
CG MSE B 197 -16.10 0.64 -4.43
SE MSE B 197 -15.02 2.29 -4.64
CE MSE B 197 -14.34 2.31 -2.83
N LYS B 198 -20.29 1.30 -2.47
CA LYS B 198 -21.67 1.78 -2.47
C LYS B 198 -21.73 3.02 -1.60
N PHE B 199 -20.96 3.06 -0.52
CA PHE B 199 -20.99 4.21 0.35
C PHE B 199 -20.09 5.34 -0.14
N TYR B 200 -18.96 4.96 -0.72
CA TYR B 200 -18.04 5.93 -1.27
C TYR B 200 -18.81 6.70 -2.33
N LYS B 201 -19.55 5.99 -3.18
CA LYS B 201 -20.35 6.63 -4.23
C LYS B 201 -21.34 7.61 -3.61
N GLU B 202 -21.79 7.34 -2.39
CA GLU B 202 -22.74 8.20 -1.70
C GLU B 202 -22.09 9.31 -0.84
N GLY B 203 -20.77 9.47 -0.97
CA GLY B 203 -20.08 10.48 -0.21
C GLY B 203 -19.25 10.05 0.99
N VAL B 204 -19.29 8.78 1.43
CA VAL B 204 -18.47 8.40 2.58
C VAL B 204 -17.00 8.35 2.13
N LYS B 205 -16.18 9.26 2.64
CA LYS B 205 -14.76 9.34 2.25
C LYS B 205 -13.82 9.41 3.48
N ARG B 206 -14.05 8.53 4.44
CA ARG B 206 -13.23 8.54 5.64
C ARG B 206 -13.20 7.17 6.27
N ILE B 207 -12.08 6.82 6.88
CA ILE B 207 -11.97 5.53 7.53
C ILE B 207 -11.43 5.77 8.94
N THR B 208 -12.03 5.11 9.92
CA THR B 208 -11.66 5.27 11.32
C THR B 208 -10.43 4.42 11.69
N HIS B 209 -9.53 5.02 12.47
CA HIS B 209 -8.25 4.41 12.84
C HIS B 209 -7.77 3.26 11.95
N PHE B 210 -7.38 3.65 10.73
CA PHE B 210 -6.86 2.76 9.69
C PHE B 210 -5.52 2.23 10.17
N PRO B 211 -5.29 0.92 10.07
CA PRO B 211 -6.23 -0.08 9.53
C PRO B 211 -6.72 -1.03 10.62
N ASN B 212 -6.55 -0.64 11.88
CA ASN B 212 -6.99 -1.48 12.99
C ASN B 212 -8.51 -1.65 12.90
N GLY B 213 -9.01 -2.86 13.09
CA GLY B 213 -10.45 -3.09 13.04
C GLY B 213 -11.01 -3.29 11.65
N LEU B 214 -10.12 -3.59 10.72
CA LEU B 214 -10.50 -3.83 9.33
C LEU B 214 -9.89 -5.14 8.89
N LYS B 215 -10.54 -5.80 7.92
CA LYS B 215 -10.05 -7.05 7.37
C LYS B 215 -8.74 -6.72 6.65
N PRO B 216 -7.75 -7.61 6.66
CA PRO B 216 -6.49 -7.31 5.98
C PRO B 216 -6.60 -7.27 4.45
N LEU B 217 -5.57 -6.70 3.84
CA LEU B 217 -5.50 -6.60 2.39
C LEU B 217 -5.26 -8.02 1.84
N HIS B 218 -6.08 -8.48 0.91
CA HIS B 218 -5.85 -9.79 0.33
C HIS B 218 -5.61 -9.67 -1.18
N HIS B 219 -4.99 -10.67 -1.80
CA HIS B 219 -4.65 -10.61 -3.23
C HIS B 219 -5.78 -10.33 -4.21
N ARG B 220 -6.97 -10.84 -3.92
CA ARG B 220 -8.09 -10.64 -4.81
C ARG B 220 -9.06 -9.63 -4.19
N GLU B 221 -9.38 -9.82 -2.91
CA GLU B 221 -10.29 -8.92 -2.20
C GLU B 221 -9.47 -7.90 -1.45
N ILE B 222 -9.43 -6.67 -1.92
CA ILE B 222 -8.63 -5.69 -1.23
C ILE B 222 -9.35 -5.04 -0.03
N GLY B 223 -10.65 -5.32 0.10
CA GLY B 223 -11.41 -4.79 1.21
C GLY B 223 -11.28 -3.30 1.46
N ILE B 224 -11.75 -2.87 2.63
CA ILE B 224 -11.69 -1.47 3.00
C ILE B 224 -10.26 -0.97 3.08
N THR B 225 -9.37 -1.82 3.55
CA THR B 225 -7.97 -1.42 3.62
C THR B 225 -7.52 -1.03 2.21
N GLY B 226 -7.87 -1.85 1.22
CA GLY B 226 -7.46 -1.56 -0.14
C GLY B 226 -8.10 -0.29 -0.66
N ALA B 227 -9.38 -0.15 -0.36
CA ALA B 227 -10.15 1.00 -0.77
C ALA B 227 -9.52 2.26 -0.22
N GLY B 228 -9.11 2.22 1.04
CA GLY B 228 -8.51 3.38 1.66
C GLY B 228 -7.16 3.78 1.13
N LEU B 229 -6.40 2.82 0.61
CA LEU B 229 -5.10 3.12 0.04
C LEU B 229 -5.25 3.60 -1.39
N LEU B 230 -6.10 2.90 -2.15
CA LEU B 230 -6.36 3.18 -3.56
C LEU B 230 -7.09 4.48 -3.91
N LEU B 231 -8.16 4.80 -3.19
CA LEU B 231 -8.96 6.02 -3.44
C LEU B 231 -8.29 7.26 -2.89
N ASP B 232 -8.04 8.22 -3.76
CA ASP B 232 -7.32 9.43 -3.32
C ASP B 232 -7.98 10.42 -2.41
N ASP B 233 -9.28 10.62 -2.56
CA ASP B 233 -9.95 11.58 -1.72
C ASP B 233 -10.54 11.00 -0.42
N VAL B 234 -10.22 9.74 -0.13
CA VAL B 234 -10.64 9.08 1.11
C VAL B 234 -9.55 9.32 2.16
N LYS B 235 -9.89 9.97 3.26
CA LYS B 235 -8.91 10.24 4.31
C LYS B 235 -8.89 9.14 5.40
N LEU B 236 -7.72 8.92 6.00
CA LEU B 236 -7.53 7.87 7.02
C LEU B 236 -7.00 8.36 8.35
N GLU B 237 -7.62 7.89 9.43
CA GLU B 237 -7.19 8.22 10.79
C GLU B 237 -5.96 7.37 11.04
N LEU B 238 -4.99 7.93 11.74
CA LEU B 238 -3.80 7.17 12.08
C LEU B 238 -3.46 7.42 13.53
N ILE B 239 -3.25 6.36 14.31
CA ILE B 239 -2.89 6.50 15.69
C ILE B 239 -1.39 6.29 15.68
N CYS B 240 -0.59 7.34 15.84
CA CYS B 240 0.86 7.16 15.78
C CYS B 240 1.55 6.90 17.09
N ASP B 241 1.14 5.88 17.81
CA ASP B 241 1.73 5.58 19.10
C ASP B 241 2.81 4.54 19.00
N GLY B 242 3.05 4.09 17.77
CA GLY B 242 4.05 3.08 17.53
C GLY B 242 3.58 1.68 17.87
N VAL B 243 2.29 1.53 18.18
CA VAL B 243 1.75 0.22 18.54
C VAL B 243 0.57 -0.17 17.68
N HIS B 244 -0.37 0.73 17.48
CA HIS B 244 -1.48 0.45 16.58
C HIS B 244 -0.93 0.35 15.15
N LEU B 245 0.17 1.07 14.88
CA LEU B 245 0.85 1.01 13.59
C LEU B 245 2.31 1.12 13.90
N SER B 246 3.12 0.27 13.30
CA SER B 246 4.56 0.35 13.51
C SER B 246 5.01 1.55 12.71
N ARG B 247 6.20 2.07 13.01
CA ARG B 247 6.66 3.21 12.27
C ARG B 247 6.78 2.90 10.77
N GLU B 248 7.06 1.65 10.43
CA GLU B 248 7.18 1.26 9.02
C GLU B 248 5.82 1.38 8.33
N MSE B 249 4.77 0.91 9.01
CA MSE B 249 3.41 1.01 8.49
C MSE B 249 3.03 2.49 8.26
O MSE B 249 2.46 2.86 7.22
CB MSE B 249 2.43 0.39 9.48
CG MSE B 249 0.98 0.45 9.00
SE MSE B 249 0.58 -0.55 7.34
CE MSE B 249 -1.26 -0.01 7.04
N VAL B 250 3.33 3.34 9.23
CA VAL B 250 3.02 4.75 9.11
C VAL B 250 3.78 5.34 7.91
N LYS B 251 5.03 4.94 7.72
CA LYS B 251 5.79 5.45 6.59
C LYS B 251 5.15 4.98 5.27
N LEU B 252 4.59 3.78 5.27
CA LEU B 252 3.93 3.23 4.09
C LEU B 252 2.68 4.02 3.68
N VAL B 253 1.80 4.25 4.65
CA VAL B 253 0.56 4.94 4.43
C VAL B 253 0.86 6.34 4.02
N TYR B 254 1.85 6.96 4.66
CA TYR B 254 2.22 8.33 4.32
C TYR B 254 2.66 8.37 2.85
N LYS B 255 3.52 7.45 2.49
CA LYS B 255 4.01 7.39 1.13
C LYS B 255 2.85 7.29 0.15
N VAL B 256 1.90 6.39 0.42
CA VAL B 256 0.78 6.19 -0.47
C VAL B 256 -0.26 7.27 -0.50
N LYS B 257 -0.60 7.78 0.66
CA LYS B 257 -1.66 8.76 0.75
C LYS B 257 -1.26 10.21 0.77
N LYS B 258 -0.01 10.49 1.15
CA LYS B 258 0.52 11.86 1.30
C LYS B 258 -0.23 12.55 2.43
N ALA B 259 0.36 13.63 2.91
CA ALA B 259 -0.21 14.42 3.98
C ALA B 259 -1.71 14.74 3.78
N ASN B 260 -2.13 15.03 2.56
CA ASN B 260 -3.53 15.31 2.28
C ASN B 260 -4.49 14.18 2.66
N GLY B 261 -4.02 12.94 2.67
CA GLY B 261 -4.89 11.83 2.99
C GLY B 261 -4.88 11.35 4.44
N ILE B 262 -4.13 12.02 5.30
CA ILE B 262 -4.05 11.58 6.69
C ILE B 262 -4.63 12.52 7.75
N VAL B 263 -5.33 11.96 8.71
CA VAL B 263 -5.90 12.72 9.81
C VAL B 263 -5.34 12.14 11.09
N LEU B 264 -4.49 12.90 11.78
CA LEU B 264 -3.91 12.43 13.04
C LEU B 264 -4.96 12.34 14.13
N VAL B 265 -4.84 11.31 14.93
CA VAL B 265 -5.80 11.10 15.99
C VAL B 265 -5.08 10.44 17.14
N THR B 266 -5.65 10.58 18.31
CA THR B 266 -5.06 10.05 19.51
C THR B 266 -5.66 8.70 19.93
N ASP B 267 -6.99 8.60 19.86
CA ASP B 267 -7.72 7.43 20.29
C ASP B 267 -7.37 7.09 21.75
N SER B 268 -7.07 8.15 22.47
CA SER B 268 -6.69 8.10 23.86
C SER B 268 -7.88 7.75 24.79
N ILE B 269 -7.59 6.96 25.83
CA ILE B 269 -8.62 6.62 26.81
C ILE B 269 -8.28 7.26 28.17
N SER B 270 -9.20 7.07 29.08
CA SER B 270 -9.07 7.58 30.45
C SER B 270 -7.68 7.35 31.07
N ALA B 271 -7.17 6.14 30.95
CA ALA B 271 -5.89 5.79 31.53
C ALA B 271 -4.71 6.67 31.08
N ALA B 272 -4.84 7.34 29.94
CA ALA B 272 -3.78 8.21 29.42
C ALA B 272 -3.25 9.21 30.44
N GLY B 273 -1.93 9.22 30.62
CA GLY B 273 -1.33 10.15 31.56
C GLY B 273 -1.27 9.66 33.00
N LEU B 274 -1.94 8.55 33.29
CA LEU B 274 -1.91 7.98 34.64
C LEU B 274 -0.95 6.78 34.64
N LYS B 275 -0.54 6.34 35.82
CA LYS B 275 0.38 5.23 35.95
C LYS B 275 -0.29 3.94 35.50
N ASP B 276 0.53 2.98 35.08
CA ASP B 276 0.01 1.69 34.64
C ASP B 276 -0.95 1.13 35.68
N GLY B 277 -1.81 0.22 35.25
CA GLY B 277 -2.75 -0.36 36.18
C GLY B 277 -3.87 -1.03 35.46
N THR B 278 -5.06 -0.94 36.03
CA THR B 278 -6.22 -1.56 35.43
C THR B 278 -7.44 -0.65 35.61
N THR B 279 -8.13 -0.37 34.51
CA THR B 279 -9.32 0.48 34.55
C THR B 279 -10.40 -0.18 33.68
N THR B 280 -11.27 0.64 33.09
CA THR B 280 -12.33 0.17 32.19
C THR B 280 -12.50 1.16 31.03
N LEU B 281 -13.24 0.74 30.02
CA LEU B 281 -13.60 1.52 28.81
C LEU B 281 -14.96 0.91 28.49
N GLY B 282 -16.04 1.65 28.77
CA GLY B 282 -17.36 1.12 28.56
C GLY B 282 -17.58 0.11 29.68
N ASP B 283 -18.19 -1.03 29.38
CA ASP B 283 -18.45 -2.07 30.39
C ASP B 283 -17.32 -3.12 30.57
N LEU B 284 -16.15 -2.89 29.97
CA LEU B 284 -15.06 -3.86 30.02
C LEU B 284 -13.79 -3.52 30.79
N VAL B 285 -13.13 -4.56 31.31
CA VAL B 285 -11.89 -4.42 32.07
C VAL B 285 -10.69 -4.24 31.13
N VAL B 286 -9.75 -3.40 31.51
CA VAL B 286 -8.57 -3.12 30.70
C VAL B 286 -7.30 -3.05 31.53
N LYS B 287 -6.22 -3.63 31.00
CA LYS B 287 -4.93 -3.67 31.67
C LYS B 287 -3.96 -2.77 30.90
N VAL B 288 -3.22 -1.93 31.61
CA VAL B 288 -2.28 -1.04 30.95
C VAL B 288 -0.82 -1.33 31.32
N LYS B 289 -0.07 -1.83 30.34
CA LYS B 289 1.33 -2.16 30.50
C LYS B 289 2.23 -1.32 29.60
N ASP B 290 3.19 -0.66 30.23
CA ASP B 290 4.12 0.18 29.52
C ASP B 290 3.36 1.22 28.71
N GLY B 291 2.17 1.55 29.21
CA GLY B 291 1.33 2.55 28.56
C GLY B 291 0.48 2.01 27.44
N VAL B 292 0.43 0.70 27.29
CA VAL B 292 -0.36 0.10 26.23
C VAL B 292 -1.55 -0.60 26.85
N PRO B 293 -2.75 -0.02 26.68
CA PRO B 293 -3.92 -0.70 27.27
C PRO B 293 -4.38 -1.87 26.39
N ARG B 294 -4.73 -3.00 27.02
CA ARG B 294 -5.20 -4.14 26.26
C ARG B 294 -6.29 -4.89 27.03
N LEU B 295 -7.16 -5.60 26.31
CA LEU B 295 -8.22 -6.40 26.94
C LEU B 295 -7.54 -7.69 27.42
N GLU B 296 -8.22 -8.47 28.27
CA GLU B 296 -7.66 -9.72 28.82
C GLU B 296 -6.95 -10.60 27.80
N ASP B 297 -7.46 -10.65 26.57
CA ASP B 297 -6.83 -11.48 25.55
C ASP B 297 -5.82 -10.78 24.67
N GLY B 298 -5.36 -9.61 25.09
CA GLY B 298 -4.38 -8.90 24.30
C GLY B 298 -4.93 -7.90 23.29
N THR B 299 -6.22 -7.98 22.96
CA THR B 299 -6.85 -7.03 22.00
C THR B 299 -6.49 -5.61 22.43
N LEU B 300 -5.99 -4.78 21.51
CA LEU B 300 -5.65 -3.39 21.84
C LEU B 300 -6.94 -2.68 22.26
N ALA B 301 -6.87 -1.82 23.26
CA ALA B 301 -8.07 -1.11 23.73
C ALA B 301 -7.83 0.39 23.86
N GLY B 302 -7.89 1.09 22.74
CA GLY B 302 -7.63 2.53 22.77
C GLY B 302 -6.12 2.74 22.98
N SER B 303 -5.75 3.93 23.43
CA SER B 303 -4.33 4.20 23.64
C SER B 303 -4.09 5.18 24.77
N THR B 304 -2.82 5.52 24.99
CA THR B 304 -2.45 6.50 26.02
C THR B 304 -1.60 7.61 25.38
N LEU B 305 -1.79 7.82 24.10
CA LEU B 305 -1.03 8.81 23.36
C LEU B 305 -1.57 10.23 23.53
N PHE B 306 -0.64 11.14 23.76
CA PHE B 306 -0.94 12.55 23.91
C PHE B 306 -0.88 13.12 22.51
N PHE B 307 -1.83 13.98 22.17
CA PHE B 307 -1.86 14.54 20.83
C PHE B 307 -0.51 15.15 20.47
N SER B 308 0.08 15.81 21.45
CA SER B 308 1.39 16.43 21.27
C SER B 308 2.46 15.39 20.78
N GLN B 309 2.49 14.21 21.41
CA GLN B 309 3.43 13.16 21.02
C GLN B 309 3.05 12.62 19.67
N ALA B 310 1.75 12.60 19.39
CA ALA B 310 1.25 12.10 18.11
C ALA B 310 1.86 12.93 16.98
N VAL B 311 1.84 14.25 17.15
CA VAL B 311 2.38 15.12 16.15
C VAL B 311 3.88 14.87 16.00
N LYS B 312 4.59 14.73 17.11
CA LYS B 312 6.02 14.50 17.03
C LYS B 312 6.36 13.14 16.44
N ASN B 313 5.58 12.12 16.76
CA ASN B 313 5.88 10.81 16.22
C ASN B 313 5.67 10.75 14.70
N PHE B 314 4.57 11.32 14.23
CA PHE B 314 4.29 11.28 12.79
C PHE B 314 5.48 11.89 12.03
N ARG B 315 5.94 13.03 12.50
CA ARG B 315 7.05 13.67 11.86
C ARG B 315 8.31 12.80 11.88
N LYS B 316 8.59 12.19 13.03
CA LYS B 316 9.77 11.34 13.15
C LYS B 316 9.65 10.15 12.20
N PHE B 317 8.51 9.47 12.24
CA PHE B 317 8.26 8.31 11.38
C PHE B 317 8.32 8.63 9.88
N THR B 318 7.76 9.76 9.47
CA THR B 318 7.72 10.12 8.06
C THR B 318 8.78 11.07 7.53
N GLY B 319 9.26 11.98 8.38
CA GLY B 319 10.24 12.97 7.94
C GLY B 319 9.54 14.03 7.09
N CYS B 320 8.24 14.19 7.30
CA CYS B 320 7.46 15.17 6.56
C CYS B 320 7.82 16.56 6.99
N SER B 321 7.34 17.54 6.24
CA SER B 321 7.59 18.93 6.55
C SER B 321 6.54 19.47 7.54
N ILE B 322 6.94 20.55 8.21
CA ILE B 322 6.14 21.27 9.18
C ILE B 322 4.81 21.68 8.56
N THR B 323 4.82 22.05 7.29
CA THR B 323 3.60 22.43 6.60
C THR B 323 2.66 21.21 6.48
N GLU B 324 3.24 20.06 6.15
CA GLU B 324 2.46 18.84 6.02
C GLU B 324 1.92 18.47 7.41
N LEU B 325 2.75 18.62 8.45
CA LEU B 325 2.32 18.30 9.82
C LEU B 325 1.07 19.10 10.12
N ALA B 326 1.03 20.35 9.64
CA ALA B 326 -0.14 21.16 9.86
C ALA B 326 -1.35 20.55 9.19
N LYS B 327 -1.17 19.96 8.01
CA LYS B 327 -2.34 19.37 7.38
C LYS B 327 -2.89 18.14 8.14
N VAL B 328 -2.03 17.28 8.65
CA VAL B 328 -2.49 16.08 9.34
C VAL B 328 -2.98 16.32 10.76
N SER B 329 -2.44 17.35 11.41
CA SER B 329 -2.81 17.64 12.79
C SER B 329 -3.94 18.65 12.96
N SER B 330 -4.39 19.24 11.86
CA SER B 330 -5.42 20.27 11.94
C SER B 330 -6.34 20.45 10.75
N TYR B 331 -5.80 21.02 9.68
CA TYR B 331 -6.53 21.31 8.45
C TYR B 331 -7.37 20.19 7.84
N ASN B 332 -6.80 19.00 7.67
CA ASN B 332 -7.61 17.93 7.05
C ASN B 332 -8.92 17.71 7.83
N SER B 333 -8.85 17.62 9.16
CA SER B 333 -10.04 17.44 9.98
C SER B 333 -11.03 18.61 9.86
N CYS B 334 -10.51 19.84 9.74
CA CYS B 334 -11.37 21.02 9.60
C CYS B 334 -12.12 20.97 8.30
N VAL B 335 -11.45 20.48 7.26
CA VAL B 335 -12.05 20.35 5.94
C VAL B 335 -13.16 19.30 6.03
N GLU B 336 -12.85 18.13 6.56
CA GLU B 336 -13.88 17.11 6.66
C GLU B 336 -15.05 17.56 7.51
N LEU B 337 -14.79 18.36 8.54
CA LEU B 337 -15.85 18.78 9.46
C LEU B 337 -16.54 20.07 9.06
N GLY B 338 -16.10 20.68 7.97
CA GLY B 338 -16.71 21.93 7.54
C GLY B 338 -16.34 23.13 8.39
N LEU B 339 -15.25 23.06 9.17
CA LEU B 339 -14.85 24.20 9.99
C LEU B 339 -14.09 25.14 9.06
N ASP B 340 -14.83 25.90 8.27
CA ASP B 340 -14.21 26.79 7.29
C ASP B 340 -13.37 27.87 7.87
N ASP B 341 -13.61 28.16 9.13
CA ASP B 341 -12.87 29.20 9.81
C ASP B 341 -11.74 28.69 10.70
N ARG B 342 -11.47 27.38 10.66
CA ARG B 342 -10.38 26.84 11.48
C ARG B 342 -9.26 26.15 10.72
N GLY B 343 -8.18 25.81 11.43
CA GLY B 343 -7.08 25.11 10.80
C GLY B 343 -6.31 25.95 9.79
N ARG B 344 -6.26 27.25 10.03
CA ARG B 344 -5.53 28.13 9.14
C ARG B 344 -4.91 29.23 9.95
N ILE B 345 -3.87 29.85 9.40
CA ILE B 345 -3.31 31.03 10.01
C ILE B 345 -3.45 32.00 8.82
N ALA B 346 -4.63 32.64 8.74
CA ALA B 346 -4.95 33.58 7.67
C ALA B 346 -5.98 34.62 8.16
N GLU B 347 -5.94 35.81 7.57
CA GLU B 347 -6.85 36.88 7.97
C GLU B 347 -8.27 36.43 7.80
N GLY B 348 -9.09 36.63 8.81
CA GLY B 348 -10.46 36.22 8.71
C GLY B 348 -10.77 34.88 9.35
N THR B 349 -9.75 34.12 9.79
CA THR B 349 -10.01 32.82 10.42
C THR B 349 -10.03 32.96 11.94
N ARG B 350 -10.56 31.96 12.62
CA ARG B 350 -10.63 31.98 14.07
C ARG B 350 -9.24 31.88 14.66
N ALA B 351 -9.00 32.60 15.75
CA ALA B 351 -7.69 32.58 16.39
C ALA B 351 -7.46 31.39 17.32
N ASP B 352 -7.46 30.18 16.75
CA ASP B 352 -7.18 28.96 17.52
C ASP B 352 -5.75 28.59 17.10
N LEU B 353 -4.78 28.76 17.99
CA LEU B 353 -3.39 28.52 17.62
C LEU B 353 -2.54 27.77 18.65
N VAL B 354 -1.49 27.11 18.16
CA VAL B 354 -0.55 26.45 19.05
C VAL B 354 0.79 27.06 18.73
N LEU B 355 1.54 27.39 19.77
CA LEU B 355 2.85 27.91 19.56
C LEU B 355 3.77 26.88 20.21
N LEU B 356 4.68 26.32 19.42
CA LEU B 356 5.59 25.32 19.94
C LEU B 356 7.01 25.82 19.85
N ASP B 357 7.91 25.17 20.58
CA ASP B 357 9.31 25.58 20.49
C ASP B 357 9.83 24.81 19.29
N GLU B 358 11.12 24.86 19.02
CA GLU B 358 11.65 24.18 17.83
C GLU B 358 11.80 22.69 17.94
N ASP B 359 11.58 22.13 19.12
CA ASP B 359 11.62 20.68 19.26
C ASP B 359 10.18 20.18 19.19
N LEU B 360 9.29 21.09 18.81
CA LEU B 360 7.85 20.85 18.70
C LEU B 360 7.13 20.56 20.01
N ASN B 361 7.63 21.11 21.12
CA ASN B 361 6.96 20.94 22.41
C ASN B 361 5.99 22.10 22.43
N VAL B 362 4.84 21.92 23.07
CA VAL B 362 3.84 22.97 23.16
C VAL B 362 4.25 23.95 24.26
N VAL B 363 4.31 25.23 23.91
CA VAL B 363 4.65 26.25 24.89
C VAL B 363 3.43 27.13 25.15
N MSE B 364 2.50 27.18 24.22
CA MSE B 364 1.32 28.01 24.42
C MSE B 364 0.19 27.73 23.44
O MSE B 364 0.44 27.49 22.27
CB MSE B 364 1.74 29.48 24.32
CG MSE B 364 0.60 30.48 24.29
SE MSE B 364 1.23 32.36 24.42
CE MSE B 364 2.06 32.52 22.66
N THR B 365 -1.05 27.74 23.93
CA THR B 365 -2.16 27.55 23.02
C THR B 365 -3.22 28.61 23.23
N ILE B 366 -3.86 28.99 22.14
CA ILE B 366 -4.85 30.04 22.15
C ILE B 366 -6.17 29.55 21.55
N LYS B 367 -7.27 29.81 22.25
CA LYS B 367 -8.60 29.44 21.78
C LYS B 367 -9.40 30.75 21.63
N GLU B 368 -9.90 31.04 20.43
CA GLU B 368 -10.67 32.25 20.23
C GLU B 368 -9.98 33.48 20.84
N GLY B 369 -8.77 33.78 20.37
CA GLY B 369 -8.07 34.94 20.87
C GLY B 369 -7.67 34.93 22.32
N GLU B 370 -8.09 33.92 23.09
CA GLU B 370 -7.70 33.84 24.51
C GLU B 370 -6.59 32.81 24.75
N VAL B 371 -5.59 33.19 25.52
CA VAL B 371 -4.50 32.30 25.84
C VAL B 371 -5.10 31.31 26.82
N VAL B 372 -5.07 30.03 26.51
CA VAL B 372 -5.63 29.07 27.46
C VAL B 372 -4.60 28.09 28.06
N PHE B 373 -3.34 28.26 27.68
CA PHE B 373 -2.26 27.41 28.19
C PHE B 373 -0.85 27.98 27.95
N ARG B 374 0.02 27.89 28.97
CA ARG B 374 1.44 28.33 28.93
C ARG B 374 2.26 27.24 29.63
N SER B 375 3.38 26.81 29.08
CA SER B 375 4.18 25.77 29.76
C SER B 375 5.01 26.30 30.93
N ARG B 376 5.46 25.47 31.76
FE FE C . 5.49 -19.95 -6.95
FE FE D . -12.17 1.64 17.72
#